data_4JS9
#
_entry.id   4JS9
#
_cell.length_a   215.039
_cell.length_b   215.039
_cell.length_c   115.547
_cell.angle_alpha   90.00
_cell.angle_beta   90.00
_cell.angle_gamma   120.00
#
_symmetry.space_group_name_H-M   'P 61 2 2'
#
loop_
_entity.id
_entity.type
_entity.pdbx_description
1 polymer 'Nitric oxide synthase, inducible'
2 non-polymer Mesoheme
3 non-polymer 5,6,7,8-TETRAHYDROBIOPTERIN
4 non-polymer 'SULFATE ION'
5 water water
#
_entity_poly.entity_id   1
_entity_poly.type   'polypeptide(L)'
_entity_poly.pdbx_seq_one_letter_code
;LDKLHVTSTRPQYVRIKNWGSGEILHDTLHHKATSDFTCKSKSCLGSIMNPKSLTRGPRDKPTPLEELLPHAIEFINQYY
GSFKEAKIEEHLARLEAVTKEIETTGTYQLTLDELIFATKMAWRNAPRCIGRIQWSNLQVFDARNCSTAQEMFQHICRHI
LYATNNGNIRSAITVFPQRSDGKHDFRLWNSQLIRYAGYQMPDGTIRGDAATLEFTQLCIDLGWKPRYGRFDVLPLVLQA
DGQDPEVFEIPPDLVLEVTMEHPKYEWFQELGLKWYALPAVANMLLEVGGLEFPACPFNGWYMGTEIGVRDFCDTQRYNI
LEEVGRRMGLETHTLASLWKDRAVTEINVAVLHSFQKQNVTIMDHHTASESFMKHMQNEYRARGGCPADWIWLVPPVSGS
ITPVFHQEMLNYVLSPFYYYQIEPWKTHIWQ
;
_entity_poly.pdbx_strand_id   A,B
#
# COMPACT_ATOMS: atom_id res chain seq x y z
N GLN A 12 23.72 7.71 -6.83
CA GLN A 12 23.76 7.27 -8.22
C GLN A 12 22.73 6.18 -8.41
N TYR A 13 22.82 5.44 -9.49
CA TYR A 13 21.93 4.30 -9.71
C TYR A 13 22.08 3.57 -11.03
N VAL A 14 21.42 2.44 -11.14
CA VAL A 14 21.47 1.60 -12.33
C VAL A 14 20.09 1.37 -12.93
N ARG A 15 19.96 1.55 -14.24
CA ARG A 15 18.68 1.48 -14.93
C ARG A 15 18.45 0.00 -15.30
N ILE A 16 17.28 -0.55 -14.99
CA ILE A 16 16.97 -1.93 -15.41
C ILE A 16 15.61 -2.04 -16.12
N LYS A 17 15.57 -2.85 -17.17
CA LYS A 17 14.40 -2.86 -18.01
C LYS A 17 13.65 -4.16 -17.86
N ASN A 18 12.33 -4.08 -17.80
CA ASN A 18 11.52 -5.27 -17.99
C ASN A 18 11.11 -5.28 -19.47
N TRP A 19 11.54 -6.28 -20.24
CA TRP A 19 11.31 -6.25 -21.68
C TRP A 19 9.90 -6.67 -22.08
N GLY A 20 9.07 -7.01 -21.10
CA GLY A 20 7.70 -7.35 -21.41
C GLY A 20 6.79 -6.15 -21.33
N SER A 21 6.86 -5.42 -20.22
CA SER A 21 5.98 -4.27 -19.98
C SER A 21 6.62 -3.00 -20.48
N GLY A 22 7.93 -3.08 -20.73
CA GLY A 22 8.71 -1.94 -21.14
C GLY A 22 9.08 -1.04 -19.98
N GLU A 23 8.63 -1.40 -18.79
CA GLU A 23 8.85 -0.57 -17.60
C GLU A 23 10.32 -0.47 -17.18
N ILE A 24 10.67 0.67 -16.61
CA ILE A 24 12.04 0.93 -16.21
C ILE A 24 12.08 1.07 -14.69
N LEU A 25 13.17 0.63 -14.09
CA LEU A 25 13.37 0.71 -12.65
C LEU A 25 14.80 1.16 -12.38
N HIS A 26 14.98 1.94 -11.30
CA HIS A 26 16.28 2.49 -10.92
C HIS A 26 16.75 1.86 -9.61
N ASP A 27 17.91 1.18 -9.64
CA ASP A 27 18.39 0.50 -8.43
C ASP A 27 19.41 1.35 -7.65
N THR A 28 19.07 1.65 -6.40
CA THR A 28 19.97 2.43 -5.54
C THR A 28 20.46 1.53 -4.41
N LEU A 29 19.73 0.45 -4.12
CA LEU A 29 20.02 -0.41 -2.97
C LEU A 29 21.33 -1.18 -3.12
N HIS A 30 21.80 -1.32 -4.36
CA HIS A 30 23.01 -2.09 -4.59
C HIS A 30 24.26 -1.44 -3.99
N HIS A 31 24.17 -0.14 -3.73
CA HIS A 31 25.28 0.60 -3.14
C HIS A 31 25.64 0.06 -1.76
N LYS A 32 24.67 -0.58 -1.11
CA LYS A 32 24.86 -1.11 0.24
C LYS A 32 25.37 -2.56 0.23
N ALA A 33 25.93 -2.98 -0.91
CA ALA A 33 26.43 -4.35 -1.08
C ALA A 33 27.73 -4.55 -0.33
N THR A 34 28.34 -5.73 -0.50
CA THR A 34 29.55 -6.08 0.24
C THR A 34 30.74 -6.35 -0.68
N SER A 35 31.71 -7.15 -0.22
CA SER A 35 32.92 -7.43 -0.98
C SER A 35 32.62 -8.28 -2.22
N SER A 47 27.08 -18.30 -13.91
CA SER A 47 26.29 -19.50 -13.65
C SER A 47 26.90 -20.54 -12.68
N ILE A 48 27.77 -20.11 -11.77
CA ILE A 48 28.40 -21.05 -10.84
C ILE A 48 27.52 -21.27 -9.61
N MET A 49 27.31 -22.53 -9.23
CA MET A 49 26.39 -22.84 -8.15
C MET A 49 26.94 -22.37 -6.81
N ASN A 50 28.17 -22.80 -6.50
CA ASN A 50 28.79 -22.48 -5.22
C ASN A 50 30.02 -21.57 -5.35
N PRO A 51 29.83 -20.32 -5.80
CA PRO A 51 31.01 -19.46 -5.88
C PRO A 51 31.49 -19.13 -4.47
N LYS A 52 32.80 -18.92 -4.26
CA LYS A 52 33.32 -18.53 -2.94
C LYS A 52 32.62 -17.30 -2.37
N SER A 53 32.29 -16.33 -3.22
CA SER A 53 31.61 -15.13 -2.74
C SER A 53 30.30 -15.42 -2.01
N LEU A 54 29.73 -16.60 -2.24
CA LEU A 54 28.50 -16.98 -1.56
C LEU A 54 28.73 -18.00 -0.42
N THR A 55 29.98 -18.35 -0.14
CA THR A 55 30.26 -19.29 0.95
C THR A 55 30.88 -18.57 2.16
N ARG A 56 30.46 -18.92 3.35
CA ARG A 56 31.06 -18.39 4.56
C ARG A 56 31.59 -19.59 5.30
N GLY A 57 32.91 -19.69 5.39
CA GLY A 57 33.55 -20.84 5.99
C GLY A 57 33.89 -20.72 7.46
N PRO A 58 34.67 -21.70 7.95
CA PRO A 58 35.05 -21.82 9.36
C PRO A 58 36.06 -20.76 9.84
N ARG A 59 36.12 -20.60 11.17
CA ARG A 59 37.11 -19.76 11.83
C ARG A 59 37.81 -20.68 12.85
N ASP A 60 38.85 -20.19 13.52
CA ASP A 60 39.50 -20.95 14.59
C ASP A 60 39.85 -19.98 15.68
N LYS A 61 39.43 -18.73 15.52
CA LYS A 61 39.66 -17.66 16.49
C LYS A 61 38.46 -16.75 16.38
N PRO A 62 38.07 -16.11 17.50
CA PRO A 62 36.87 -15.25 17.46
C PRO A 62 36.95 -14.14 16.42
N THR A 63 35.83 -13.47 16.18
CA THR A 63 35.75 -12.36 15.24
C THR A 63 36.38 -11.08 15.82
N PRO A 64 37.53 -10.63 15.26
CA PRO A 64 38.22 -9.42 15.72
C PRO A 64 37.28 -8.28 16.05
N LEU A 65 37.53 -7.62 17.17
CA LEU A 65 36.63 -6.59 17.69
C LEU A 65 36.39 -5.39 16.78
N GLU A 66 37.43 -5.00 16.03
CA GLU A 66 37.33 -3.86 15.14
C GLU A 66 36.48 -4.15 13.89
N GLU A 67 36.54 -5.38 13.40
CA GLU A 67 35.58 -5.84 12.40
C GLU A 67 34.18 -5.84 13.02
N LEU A 68 34.02 -6.59 14.13
CA LEU A 68 32.72 -6.78 14.76
C LEU A 68 31.97 -5.47 15.11
N LEU A 69 32.65 -4.50 15.70
CA LEU A 69 31.92 -3.37 16.27
C LEU A 69 31.11 -2.53 15.25
N PRO A 70 31.73 -2.09 14.13
CA PRO A 70 30.90 -1.29 13.21
C PRO A 70 29.86 -2.15 12.47
N HIS A 71 30.10 -3.46 12.42
CA HIS A 71 29.10 -4.35 11.88
C HIS A 71 27.88 -4.32 12.81
N ALA A 72 28.15 -4.37 14.12
CA ALA A 72 27.08 -4.38 15.10
C ALA A 72 26.34 -3.04 15.12
N ILE A 73 27.11 -1.96 15.10
CA ILE A 73 26.54 -0.62 15.13
C ILE A 73 25.65 -0.36 13.92
N GLU A 74 26.08 -0.86 12.78
CA GLU A 74 25.34 -0.69 11.54
C GLU A 74 24.02 -1.44 11.64
N PHE A 75 24.09 -2.71 12.06
CA PHE A 75 22.87 -3.49 12.28
C PHE A 75 21.91 -2.79 13.23
N ILE A 76 22.42 -2.37 14.40
CA ILE A 76 21.57 -1.76 15.41
C ILE A 76 20.85 -0.54 14.82
N ASN A 77 21.50 0.12 13.84
CA ASN A 77 20.92 1.30 13.21
C ASN A 77 19.90 0.91 12.16
N GLN A 78 20.16 -0.20 11.48
CA GLN A 78 19.20 -0.74 10.51
C GLN A 78 17.95 -1.02 11.31
N TYR A 79 18.11 -1.78 12.41
CA TYR A 79 16.97 -2.19 13.22
C TYR A 79 16.17 -1.02 13.73
N TYR A 80 16.82 -0.10 14.44
CA TYR A 80 16.10 1.02 15.01
C TYR A 80 15.65 2.01 13.91
N GLY A 81 16.17 1.82 12.70
CA GLY A 81 15.80 2.63 11.56
C GLY A 81 14.64 2.06 10.76
N SER A 82 14.05 0.98 11.24
CA SER A 82 12.98 0.32 10.49
C SER A 82 11.58 0.77 10.91
N PHE A 83 11.46 1.34 12.10
CA PHE A 83 10.11 1.68 12.50
C PHE A 83 9.61 2.99 11.93
N LYS A 84 8.28 3.19 11.98
CA LYS A 84 7.62 4.43 11.59
C LYS A 84 7.84 5.50 12.67
N GLU A 85 7.76 5.06 13.94
CA GLU A 85 8.10 5.91 15.07
C GLU A 85 9.49 5.52 15.57
N ALA A 86 10.44 6.45 15.44
CA ALA A 86 11.81 6.23 15.92
C ALA A 86 11.84 5.97 17.42
N LYS A 87 12.86 5.26 17.88
CA LYS A 87 12.98 4.95 19.31
C LYS A 87 14.37 5.44 19.72
N ILE A 88 14.62 6.74 19.54
CA ILE A 88 15.97 7.27 19.61
C ILE A 88 16.60 7.03 20.98
N GLU A 89 15.79 7.03 22.03
CA GLU A 89 16.33 6.79 23.36
C GLU A 89 16.90 5.36 23.43
N GLU A 90 16.05 4.38 23.13
CA GLU A 90 16.48 2.97 23.21
C GLU A 90 17.46 2.66 22.11
N HIS A 91 17.31 3.33 20.96
CA HIS A 91 18.29 3.23 19.89
C HIS A 91 19.65 3.61 20.47
N LEU A 92 19.73 4.83 21.02
CA LEU A 92 20.97 5.29 21.63
C LEU A 92 21.38 4.38 22.76
N ALA A 93 20.40 3.95 23.56
CA ALA A 93 20.71 3.06 24.68
C ALA A 93 21.26 1.71 24.19
N ARG A 94 20.69 1.21 23.09
CA ARG A 94 21.05 -0.11 22.60
C ARG A 94 22.44 -0.03 21.97
N LEU A 95 22.73 1.09 21.33
CA LEU A 95 24.09 1.33 20.85
C LEU A 95 25.13 1.18 21.99
N GLU A 96 24.98 1.95 23.07
CA GLU A 96 25.92 1.85 24.19
C GLU A 96 25.96 0.45 24.80
N ALA A 97 24.77 -0.11 25.01
CA ALA A 97 24.64 -1.40 25.65
C ALA A 97 25.40 -2.47 24.87
N VAL A 98 25.21 -2.44 23.55
CA VAL A 98 25.84 -3.39 22.63
C VAL A 98 27.37 -3.25 22.65
N THR A 99 27.82 -2.01 22.65
CA THR A 99 29.24 -1.70 22.73
C THR A 99 29.86 -2.20 24.03
N LYS A 100 29.23 -1.84 25.16
CA LYS A 100 29.75 -2.20 26.46
C LYS A 100 29.86 -3.71 26.53
N GLU A 101 28.85 -4.39 25.98
CA GLU A 101 28.82 -5.84 25.98
C GLU A 101 29.98 -6.43 25.17
N ILE A 102 30.28 -5.78 24.05
CA ILE A 102 31.38 -6.22 23.19
C ILE A 102 32.73 -5.96 23.86
N GLU A 103 32.90 -4.80 24.49
CA GLU A 103 34.16 -4.55 25.21
C GLU A 103 34.37 -5.60 26.32
N THR A 104 33.32 -5.86 27.13
CA THR A 104 33.43 -6.74 28.28
C THR A 104 33.41 -8.23 27.95
N THR A 105 32.69 -8.62 26.89
CA THR A 105 32.48 -10.04 26.63
C THR A 105 33.08 -10.55 25.34
N GLY A 106 33.45 -9.64 24.46
CA GLY A 106 34.11 -10.06 23.22
C GLY A 106 33.13 -10.38 22.11
N THR A 107 31.86 -10.11 22.36
CA THR A 107 30.77 -10.37 21.41
C THR A 107 29.51 -9.68 21.91
N TYR A 108 28.38 -10.07 21.37
CA TYR A 108 27.13 -9.68 21.97
C TYR A 108 26.01 -10.60 21.61
N GLN A 109 24.89 -10.40 22.26
CA GLN A 109 23.74 -11.20 21.98
C GLN A 109 22.60 -10.30 21.50
N LEU A 110 21.83 -10.82 20.54
CA LEU A 110 20.75 -10.07 19.96
C LEU A 110 19.51 -10.15 20.84
N THR A 111 18.73 -9.07 20.90
CA THR A 111 17.45 -9.12 21.59
C THR A 111 16.58 -10.04 20.73
N LEU A 112 15.59 -10.72 21.32
CA LEU A 112 14.80 -11.65 20.52
C LEU A 112 14.19 -10.96 19.29
N ASP A 113 13.73 -9.72 19.45
CA ASP A 113 13.15 -8.99 18.33
C ASP A 113 14.19 -8.70 17.27
N GLU A 114 15.43 -8.51 17.70
CA GLU A 114 16.50 -8.27 16.74
C GLU A 114 16.66 -9.51 15.85
N LEU A 115 16.69 -10.68 16.46
CA LEU A 115 16.88 -11.92 15.73
C LEU A 115 15.78 -12.11 14.70
N ILE A 116 14.54 -12.02 15.18
CA ILE A 116 13.37 -12.12 14.31
C ILE A 116 13.56 -11.19 13.12
N PHE A 117 13.82 -9.93 13.41
CA PHE A 117 14.08 -8.96 12.38
C PHE A 117 15.24 -9.40 11.49
N ALA A 118 16.26 -10.03 12.06
CA ALA A 118 17.42 -10.38 11.25
C ALA A 118 17.06 -11.50 10.27
N THR A 119 16.33 -12.49 10.76
CA THR A 119 15.97 -13.66 9.94
C THR A 119 15.08 -13.28 8.75
N LYS A 120 14.07 -12.44 8.99
CA LYS A 120 13.24 -11.98 7.91
C LYS A 120 14.03 -11.10 6.93
N MET A 121 14.90 -10.24 7.44
CA MET A 121 15.73 -9.42 6.56
C MET A 121 16.65 -10.26 5.69
N ALA A 122 17.37 -11.19 6.31
CA ALA A 122 18.27 -12.05 5.56
C ALA A 122 17.53 -12.79 4.44
N TRP A 123 16.32 -13.25 4.75
CA TRP A 123 15.44 -13.91 3.79
C TRP A 123 15.09 -12.92 2.68
N ARG A 124 14.66 -11.72 3.08
CA ARG A 124 14.39 -10.62 2.16
C ARG A 124 15.58 -10.42 1.22
N ASN A 125 16.77 -10.74 1.73
CA ASN A 125 18.00 -10.53 0.99
C ASN A 125 18.50 -11.84 0.38
N ALA A 126 17.63 -12.82 0.16
CA ALA A 126 18.12 -14.06 -0.46
C ALA A 126 17.95 -14.01 -1.99
N PRO A 127 19.01 -13.69 -2.73
CA PRO A 127 18.76 -13.39 -4.15
C PRO A 127 18.29 -14.59 -4.96
N ARG A 128 18.41 -15.79 -4.41
CA ARG A 128 17.99 -16.99 -5.14
C ARG A 128 16.60 -17.53 -4.78
N CYS A 129 15.86 -16.78 -3.95
CA CYS A 129 14.53 -17.21 -3.47
C CYS A 129 13.34 -16.49 -4.13
N ILE A 130 12.36 -17.28 -4.55
CA ILE A 130 11.21 -16.75 -5.28
C ILE A 130 9.99 -16.39 -4.41
N GLY A 131 9.97 -16.82 -3.15
CA GLY A 131 8.77 -16.64 -2.36
C GLY A 131 8.82 -15.44 -1.45
N ARG A 132 9.76 -14.55 -1.71
CA ARG A 132 10.05 -13.44 -0.79
C ARG A 132 8.94 -12.42 -0.59
N ILE A 133 7.80 -12.59 -1.24
CA ILE A 133 6.67 -11.72 -0.93
C ILE A 133 6.19 -12.08 0.49
N GLN A 134 6.63 -13.23 0.99
CA GLN A 134 6.24 -13.77 2.28
C GLN A 134 7.21 -13.42 3.41
N TRP A 135 8.16 -12.53 3.13
CA TRP A 135 9.31 -12.32 4.01
C TRP A 135 8.94 -11.88 5.43
N SER A 136 7.86 -11.13 5.59
CA SER A 136 7.51 -10.68 6.94
C SER A 136 6.59 -11.68 7.64
N ASN A 137 6.41 -12.85 7.02
CA ASN A 137 5.53 -13.89 7.55
C ASN A 137 6.34 -15.13 7.89
N LEU A 138 7.10 -15.04 8.97
CA LEU A 138 7.98 -16.11 9.39
C LEU A 138 7.89 -16.26 10.89
N GLN A 139 7.98 -17.52 11.34
CA GLN A 139 7.95 -17.89 12.75
C GLN A 139 9.39 -18.25 13.13
N VAL A 140 9.86 -17.70 14.26
CA VAL A 140 11.24 -17.85 14.72
C VAL A 140 11.33 -18.65 16.03
N PHE A 141 12.15 -19.70 16.02
CA PHE A 141 12.39 -20.48 17.23
C PHE A 141 13.79 -20.22 17.77
N ASP A 142 13.83 -19.52 18.91
CA ASP A 142 15.08 -19.21 19.59
C ASP A 142 15.59 -20.43 20.36
N ALA A 143 16.60 -21.10 19.83
CA ALA A 143 17.24 -22.23 20.47
C ALA A 143 18.71 -21.88 20.71
N ARG A 144 18.97 -20.59 20.91
CA ARG A 144 20.34 -20.12 21.12
C ARG A 144 20.95 -20.63 22.46
N ASN A 145 20.15 -21.35 23.24
CA ASN A 145 20.55 -21.88 24.52
C ASN A 145 20.69 -23.36 24.46
N CYS A 146 20.67 -23.90 23.25
CA CYS A 146 20.86 -25.33 23.08
C CYS A 146 22.27 -25.63 23.55
N SER A 147 22.53 -26.84 24.01
CA SER A 147 23.86 -27.16 24.48
C SER A 147 24.33 -28.51 23.98
N THR A 148 23.39 -29.41 23.73
CA THR A 148 23.76 -30.75 23.33
C THR A 148 23.02 -31.23 22.07
N ALA A 149 23.55 -32.28 21.43
CA ALA A 149 22.91 -32.84 20.24
C ALA A 149 21.44 -33.20 20.48
N GLN A 150 21.18 -33.89 21.60
CA GLN A 150 19.83 -34.31 21.89
C GLN A 150 18.91 -33.10 22.00
N GLU A 151 19.38 -31.99 22.54
CA GLU A 151 18.52 -30.81 22.58
C GLU A 151 18.31 -30.19 21.18
N MET A 152 19.28 -30.38 20.28
CA MET A 152 19.09 -29.94 18.92
C MET A 152 17.95 -30.77 18.36
N PHE A 153 18.15 -32.09 18.41
CA PHE A 153 17.21 -33.03 17.83
C PHE A 153 15.77 -32.82 18.28
N GLN A 154 15.60 -32.31 19.49
CA GLN A 154 14.25 -32.05 19.99
C GLN A 154 13.71 -30.78 19.35
N HIS A 155 14.60 -29.79 19.24
CA HIS A 155 14.25 -28.53 18.58
C HIS A 155 13.90 -28.75 17.10
N ILE A 156 14.69 -29.59 16.43
CA ILE A 156 14.40 -29.87 15.04
C ILE A 156 13.07 -30.58 14.96
N CYS A 157 12.78 -31.48 15.90
CA CYS A 157 11.50 -32.19 15.88
C CYS A 157 10.34 -31.24 16.10
N ARG A 158 10.51 -30.27 17.01
CA ARG A 158 9.46 -29.28 17.23
C ARG A 158 9.26 -28.51 15.92
N HIS A 159 10.38 -28.27 15.25
CA HIS A 159 10.35 -27.51 14.02
C HIS A 159 9.52 -28.24 12.97
N ILE A 160 9.97 -29.44 12.63
CA ILE A 160 9.31 -30.26 11.63
C ILE A 160 7.83 -30.37 11.88
N LEU A 161 7.45 -30.43 13.16
CA LEU A 161 6.05 -30.55 13.55
C LEU A 161 5.30 -29.23 13.40
N TYR A 162 5.92 -28.12 13.81
CA TYR A 162 5.25 -26.83 13.67
C TYR A 162 5.06 -26.51 12.18
N ALA A 163 6.13 -26.64 11.41
CA ALA A 163 6.06 -26.24 10.00
C ALA A 163 5.05 -27.08 9.24
N THR A 164 5.04 -28.39 9.50
CA THR A 164 4.25 -29.34 8.71
C THR A 164 2.75 -29.13 8.93
N ASN A 165 2.35 -28.87 10.17
CA ASN A 165 0.97 -28.47 10.50
C ASN A 165 -0.11 -29.25 9.75
N ASN A 166 0.08 -30.57 9.69
CA ASN A 166 -0.87 -31.44 9.04
C ASN A 166 -1.07 -31.09 7.54
N GLY A 167 -0.02 -30.55 6.92
CA GLY A 167 -0.04 -30.29 5.48
C GLY A 167 -0.35 -28.85 5.09
N ASN A 168 -0.78 -28.05 6.06
CA ASN A 168 -0.88 -26.62 5.85
C ASN A 168 0.45 -25.96 6.23
N ILE A 169 1.43 -26.08 5.35
CA ILE A 169 2.81 -25.75 5.70
C ILE A 169 3.00 -24.30 6.15
N ARG A 170 3.83 -24.11 7.18
CA ARG A 170 4.13 -22.79 7.72
C ARG A 170 5.62 -22.52 7.70
N SER A 171 5.99 -21.33 7.22
CA SER A 171 7.40 -20.93 7.16
C SER A 171 7.95 -20.78 8.57
N ALA A 172 9.07 -21.43 8.88
CA ALA A 172 9.65 -21.31 10.19
C ALA A 172 11.16 -21.43 10.14
N ILE A 173 11.83 -20.90 11.17
CA ILE A 173 13.25 -21.13 11.32
C ILE A 173 13.57 -21.35 12.80
N THR A 174 14.50 -22.29 13.02
CA THR A 174 15.06 -22.57 14.34
C THR A 174 16.52 -22.08 14.38
N VAL A 175 16.78 -21.02 15.16
CA VAL A 175 18.12 -20.46 15.27
C VAL A 175 18.89 -21.07 16.45
N PHE A 176 20.01 -21.72 16.19
CA PHE A 176 20.81 -22.34 17.25
C PHE A 176 21.95 -21.39 17.72
N PRO A 177 22.76 -21.76 18.76
CA PRO A 177 23.76 -20.81 19.28
C PRO A 177 24.80 -20.30 18.23
N GLN A 178 25.01 -18.99 18.22
CA GLN A 178 25.99 -18.34 17.32
C GLN A 178 27.42 -18.87 17.45
N ARG A 179 28.16 -18.85 16.35
CA ARG A 179 29.57 -19.17 16.39
C ARG A 179 30.25 -18.21 17.36
N SER A 180 31.10 -18.73 18.22
CA SER A 180 31.78 -17.88 19.19
C SER A 180 33.26 -17.82 18.81
N ASP A 181 34.00 -18.85 19.17
CA ASP A 181 35.43 -18.83 18.91
C ASP A 181 35.67 -19.47 17.56
N GLY A 182 34.71 -20.30 17.15
CA GLY A 182 34.81 -20.99 15.87
C GLY A 182 35.16 -22.45 16.01
N LYS A 183 35.44 -22.89 17.24
CA LYS A 183 35.78 -24.30 17.47
C LYS A 183 34.62 -24.97 18.20
N HIS A 184 33.53 -24.23 18.41
CA HIS A 184 32.36 -24.74 19.12
C HIS A 184 31.08 -24.59 18.28
N ASP A 185 31.23 -24.74 16.96
CA ASP A 185 30.17 -24.49 15.99
C ASP A 185 29.03 -25.51 16.09
N PHE A 186 27.78 -25.04 16.18
CA PHE A 186 26.62 -25.95 16.02
C PHE A 186 26.29 -26.16 14.54
N ARG A 187 26.15 -27.41 14.09
CA ARG A 187 26.03 -27.64 12.65
C ARG A 187 25.20 -28.87 12.24
N LEU A 188 24.16 -28.66 11.43
CA LEU A 188 23.44 -29.80 10.87
C LEU A 188 24.23 -30.32 9.67
N TRP A 189 24.46 -31.61 9.63
CA TRP A 189 25.25 -32.16 8.53
C TRP A 189 24.39 -32.46 7.31
N ASN A 190 23.08 -32.39 7.48
CA ASN A 190 22.14 -32.66 6.41
C ASN A 190 22.08 -31.48 5.45
N SER A 191 21.70 -31.73 4.21
CA SER A 191 21.49 -30.65 3.26
C SER A 191 20.08 -30.08 3.43
N GLN A 192 19.09 -30.97 3.67
CA GLN A 192 17.73 -30.59 4.07
C GLN A 192 17.28 -31.44 5.27
N LEU A 193 16.25 -31.02 6.02
CA LEU A 193 15.79 -31.79 7.18
C LEU A 193 15.22 -33.13 6.73
N ILE A 194 14.21 -33.10 5.87
CA ILE A 194 13.74 -34.32 5.26
C ILE A 194 14.45 -34.51 3.93
N ARG A 195 14.92 -35.71 3.64
CA ARG A 195 15.70 -35.95 2.44
C ARG A 195 15.80 -37.44 2.25
N TYR A 196 15.52 -37.91 1.04
CA TYR A 196 15.52 -39.34 0.80
C TYR A 196 16.95 -39.85 0.64
N ALA A 197 17.14 -41.08 1.06
CA ALA A 197 18.44 -41.72 0.95
C ALA A 197 18.67 -42.24 -0.47
N GLY A 198 19.94 -42.31 -0.84
CA GLY A 198 20.34 -42.88 -2.11
C GLY A 198 21.43 -43.91 -1.90
N TYR A 199 21.21 -45.11 -2.43
CA TYR A 199 22.17 -46.18 -2.25
C TYR A 199 22.76 -46.62 -3.60
N GLN A 200 24.07 -46.84 -3.61
CA GLN A 200 24.70 -47.60 -4.69
C GLN A 200 24.17 -49.02 -4.54
N MET A 201 24.11 -49.78 -5.64
CA MET A 201 23.55 -51.12 -5.55
C MET A 201 24.46 -52.18 -6.17
N PRO A 202 24.24 -53.46 -5.79
CA PRO A 202 24.84 -54.64 -6.41
C PRO A 202 24.93 -54.56 -7.93
N THR A 205 23.44 -50.17 -10.63
CA THR A 205 22.28 -49.32 -10.52
C THR A 205 22.46 -48.41 -9.36
N ILE A 206 21.50 -47.52 -9.22
CA ILE A 206 21.38 -46.63 -8.05
C ILE A 206 19.92 -46.52 -7.65
N ARG A 207 19.63 -46.70 -6.37
CA ARG A 207 18.26 -46.76 -5.89
C ARG A 207 18.06 -45.57 -4.96
N GLY A 208 16.93 -44.88 -5.08
CA GLY A 208 16.64 -43.69 -4.29
C GLY A 208 17.20 -42.42 -4.93
N ASP A 209 17.44 -41.42 -4.10
CA ASP A 209 17.93 -40.13 -4.55
C ASP A 209 19.45 -40.15 -4.74
N ALA A 210 19.92 -40.29 -5.97
CA ALA A 210 21.37 -40.38 -6.21
C ALA A 210 22.16 -39.17 -5.71
N ALA A 211 21.46 -38.07 -5.45
CA ALA A 211 22.14 -36.86 -5.02
C ALA A 211 22.70 -37.04 -3.63
N THR A 212 22.06 -37.88 -2.83
CA THR A 212 22.50 -38.07 -1.45
C THR A 212 23.23 -39.41 -1.28
N LEU A 213 24.05 -39.79 -2.27
CA LEU A 213 24.80 -41.05 -2.22
C LEU A 213 25.93 -40.95 -1.21
N GLU A 214 26.70 -39.88 -1.33
CA GLU A 214 27.87 -39.69 -0.49
C GLU A 214 27.43 -39.45 0.96
N PHE A 215 26.35 -38.70 1.13
CA PHE A 215 25.85 -38.42 2.47
C PHE A 215 25.24 -39.66 3.10
N THR A 216 24.63 -40.52 2.28
CA THR A 216 24.05 -41.77 2.79
C THR A 216 25.18 -42.67 3.26
N GLN A 217 26.27 -42.65 2.50
CA GLN A 217 27.42 -43.44 2.91
C GLN A 217 27.86 -42.99 4.31
N LEU A 218 27.91 -41.67 4.51
CA LEU A 218 28.33 -41.10 5.78
C LEU A 218 27.44 -41.55 6.94
N CYS A 219 26.13 -41.59 6.71
CA CYS A 219 25.21 -42.02 7.75
C CYS A 219 25.46 -43.49 8.11
N ILE A 220 25.72 -44.30 7.09
CA ILE A 220 26.01 -45.71 7.28
C ILE A 220 27.35 -45.89 8.02
N ASP A 221 28.35 -45.11 7.64
CA ASP A 221 29.63 -45.12 8.35
C ASP A 221 29.47 -44.78 9.85
N LEU A 222 28.41 -44.06 10.20
CA LEU A 222 28.16 -43.68 11.59
C LEU A 222 27.10 -44.58 12.28
N GLY A 223 26.85 -45.75 11.70
CA GLY A 223 25.99 -46.74 12.32
C GLY A 223 24.52 -46.79 11.93
N TRP A 224 24.09 -45.87 11.08
CA TRP A 224 22.68 -45.84 10.64
C TRP A 224 22.39 -47.09 9.83
N LYS A 225 21.18 -47.62 10.00
CA LYS A 225 20.79 -48.86 9.36
C LYS A 225 20.11 -48.61 8.01
N PRO A 226 20.82 -48.91 6.89
CA PRO A 226 20.27 -48.77 5.53
C PRO A 226 19.17 -49.76 5.28
N ARG A 227 18.07 -49.29 4.72
CA ARG A 227 16.93 -50.13 4.40
C ARG A 227 16.77 -50.36 2.90
N TYR A 228 17.64 -49.73 2.12
CA TYR A 228 17.70 -49.94 0.66
C TYR A 228 16.36 -49.76 -0.06
N GLY A 229 15.77 -48.58 0.05
CA GLY A 229 14.52 -48.28 -0.63
C GLY A 229 14.68 -47.08 -1.57
N ARG A 230 13.60 -46.70 -2.25
CA ARG A 230 13.63 -45.54 -3.14
C ARG A 230 13.27 -44.27 -2.40
N PHE A 231 12.57 -44.40 -1.28
CA PHE A 231 12.16 -43.26 -0.50
C PHE A 231 12.39 -43.43 1.00
N ASP A 232 13.61 -43.79 1.38
CA ASP A 232 13.95 -43.96 2.78
C ASP A 232 14.45 -42.65 3.35
N VAL A 233 13.67 -42.06 4.27
CA VAL A 233 14.08 -40.79 4.88
C VAL A 233 15.39 -40.93 5.67
N LEU A 234 16.36 -40.07 5.35
CA LEU A 234 17.67 -40.04 6.00
C LEU A 234 17.58 -39.59 7.46
N PRO A 235 18.61 -39.93 8.27
CA PRO A 235 18.70 -39.48 9.66
C PRO A 235 19.33 -38.11 9.82
N LEU A 236 18.87 -37.35 10.80
CA LEU A 236 19.55 -36.11 11.17
C LEU A 236 20.94 -36.49 11.70
N VAL A 237 21.98 -35.81 11.21
CA VAL A 237 23.34 -36.03 11.70
C VAL A 237 23.77 -34.75 12.33
N LEU A 238 23.80 -34.73 13.66
CA LEU A 238 23.89 -33.46 14.37
C LEU A 238 25.24 -33.29 15.08
N GLN A 239 25.69 -32.05 15.13
CA GLN A 239 26.95 -31.71 15.76
C GLN A 239 26.70 -30.46 16.59
N ALA A 240 26.92 -30.58 17.90
CA ALA A 240 26.63 -29.49 18.84
C ALA A 240 27.88 -29.02 19.59
N ASP A 241 28.00 -27.71 19.80
CA ASP A 241 29.14 -27.12 20.50
C ASP A 241 30.48 -27.73 20.02
N GLY A 242 30.63 -27.82 18.70
CA GLY A 242 31.83 -28.37 18.11
C GLY A 242 32.01 -29.87 18.25
N GLN A 243 31.09 -30.53 18.96
CA GLN A 243 31.27 -31.96 19.24
C GLN A 243 31.28 -32.84 18.00
N ASP A 244 31.64 -34.11 18.16
CA ASP A 244 31.51 -35.06 17.06
C ASP A 244 30.02 -35.26 16.75
N PRO A 245 29.71 -35.77 15.54
CA PRO A 245 28.30 -35.84 15.15
C PRO A 245 27.57 -37.08 15.64
N GLU A 246 26.34 -36.89 16.13
CA GLU A 246 25.52 -38.01 16.61
C GLU A 246 24.36 -38.25 15.65
N VAL A 247 23.95 -39.50 15.50
CA VAL A 247 22.97 -39.84 14.48
C VAL A 247 21.56 -40.07 15.05
N PHE A 248 20.57 -39.36 14.53
CA PHE A 248 19.20 -39.48 15.04
C PHE A 248 18.24 -39.83 13.89
N GLU A 249 17.31 -40.76 14.14
CA GLU A 249 16.29 -41.13 13.17
C GLU A 249 15.07 -40.25 13.42
N ILE A 250 14.45 -39.75 12.35
CA ILE A 250 13.27 -38.92 12.50
C ILE A 250 12.02 -39.81 12.67
N PRO A 251 11.23 -39.54 13.72
CA PRO A 251 9.97 -40.24 14.00
C PRO A 251 9.05 -40.15 12.79
N PRO A 252 8.78 -41.29 12.13
CA PRO A 252 8.01 -41.28 10.88
C PRO A 252 6.67 -40.59 11.01
N ASP A 253 6.12 -40.49 12.21
CA ASP A 253 4.87 -39.78 12.46
C ASP A 253 4.99 -38.29 12.14
N LEU A 254 6.23 -37.81 12.10
CA LEU A 254 6.51 -36.39 11.86
C LEU A 254 6.72 -36.10 10.37
N VAL A 255 7.29 -37.07 9.65
CA VAL A 255 7.54 -36.94 8.21
C VAL A 255 6.28 -37.18 7.38
N LEU A 256 5.68 -36.09 6.91
CA LEU A 256 4.48 -36.14 6.08
C LEU A 256 4.85 -36.30 4.61
N GLU A 257 4.12 -37.13 3.87
CA GLU A 257 4.46 -37.37 2.46
C GLU A 257 3.25 -37.31 1.51
N VAL A 258 3.51 -37.08 0.23
CA VAL A 258 2.41 -37.06 -0.75
C VAL A 258 2.63 -38.14 -1.78
N THR A 259 1.70 -39.07 -1.93
CA THR A 259 1.86 -40.12 -2.95
C THR A 259 1.42 -39.53 -4.29
N MET A 260 2.08 -39.89 -5.38
CA MET A 260 1.79 -39.22 -6.64
C MET A 260 0.67 -39.90 -7.46
N GLU A 261 -0.42 -39.16 -7.71
CA GLU A 261 -1.48 -39.59 -8.64
C GLU A 261 -1.61 -38.56 -9.79
N HIS A 262 -1.83 -39.04 -11.02
CA HIS A 262 -2.18 -38.15 -12.14
C HIS A 262 -3.69 -38.22 -12.32
N PRO A 263 -4.34 -37.06 -12.53
CA PRO A 263 -5.81 -37.05 -12.45
C PRO A 263 -6.52 -37.58 -13.69
N LYS A 264 -5.78 -38.08 -14.67
CA LYS A 264 -6.35 -38.68 -15.87
C LYS A 264 -5.58 -39.96 -16.21
N TYR A 265 -4.29 -39.98 -15.93
CA TYR A 265 -3.48 -41.16 -16.18
C TYR A 265 -3.48 -42.08 -14.95
N GLU A 266 -4.40 -43.04 -14.97
CA GLU A 266 -4.54 -44.05 -13.94
C GLU A 266 -3.25 -44.82 -13.63
N TRP A 267 -2.36 -44.90 -14.63
CA TRP A 267 -1.14 -45.71 -14.52
C TRP A 267 -0.04 -44.96 -13.79
N PHE A 268 -0.31 -43.73 -13.38
CA PHE A 268 0.76 -42.95 -12.81
C PHE A 268 1.08 -43.47 -11.42
N GLN A 269 0.07 -43.93 -10.70
CA GLN A 269 0.30 -44.44 -9.36
C GLN A 269 1.20 -45.66 -9.37
N GLU A 270 1.21 -46.38 -10.49
CA GLU A 270 1.96 -47.62 -10.59
C GLU A 270 3.45 -47.37 -10.69
N LEU A 271 3.83 -46.11 -10.85
CA LEU A 271 5.23 -45.72 -10.84
C LEU A 271 5.67 -45.78 -9.39
N GLY A 272 4.69 -45.65 -8.48
CA GLY A 272 4.92 -45.81 -7.06
C GLY A 272 5.74 -44.69 -6.48
N LEU A 273 5.38 -43.46 -6.79
CA LEU A 273 6.20 -42.34 -6.40
C LEU A 273 5.56 -41.53 -5.33
N LYS A 274 6.40 -40.92 -4.51
CA LYS A 274 5.94 -39.94 -3.54
C LYS A 274 7.08 -38.98 -3.30
N TRP A 275 6.79 -37.89 -2.59
CA TRP A 275 7.81 -36.96 -2.15
C TRP A 275 7.39 -36.37 -0.81
N TYR A 276 8.36 -35.90 -0.01
CA TYR A 276 8.04 -35.30 1.30
C TYR A 276 7.44 -33.91 1.15
N ALA A 277 6.64 -33.52 2.12
CA ALA A 277 5.91 -32.27 2.02
C ALA A 277 6.68 -31.05 2.55
N LEU A 278 7.79 -31.27 3.23
CA LEU A 278 8.50 -30.19 3.94
C LEU A 278 9.87 -29.93 3.35
N PRO A 279 10.01 -28.83 2.58
CA PRO A 279 11.30 -28.45 2.01
C PRO A 279 12.03 -27.56 3.04
N ALA A 280 12.89 -28.19 3.83
CA ALA A 280 13.54 -27.47 4.92
C ALA A 280 15.05 -27.57 4.81
N VAL A 281 15.70 -26.46 4.45
CA VAL A 281 17.13 -26.49 4.19
C VAL A 281 17.91 -26.38 5.49
N ALA A 282 18.93 -27.21 5.66
CA ALA A 282 19.54 -27.38 6.96
C ALA A 282 20.91 -26.76 7.13
N ASN A 283 21.63 -26.54 6.03
CA ASN A 283 23.06 -26.32 6.15
C ASN A 283 23.60 -24.91 5.85
N MET A 284 22.76 -23.88 5.92
CA MET A 284 23.21 -22.52 5.62
C MET A 284 23.48 -21.69 6.89
N LEU A 285 24.33 -20.67 6.72
CA LEU A 285 24.76 -19.82 7.81
C LEU A 285 24.06 -18.46 7.80
N LEU A 286 23.58 -18.02 8.95
CA LEU A 286 23.02 -16.68 8.99
C LEU A 286 24.10 -15.72 9.46
N GLU A 287 24.45 -14.77 8.58
CA GLU A 287 25.32 -13.69 9.00
C GLU A 287 24.41 -12.55 9.41
N VAL A 288 24.68 -11.98 10.57
CA VAL A 288 24.00 -10.76 10.95
C VAL A 288 24.84 -9.94 11.94
N GLY A 289 24.91 -8.63 11.69
CA GLY A 289 25.56 -7.70 12.59
C GLY A 289 26.94 -8.13 13.04
N GLY A 290 27.66 -8.84 12.17
CA GLY A 290 29.01 -9.26 12.48
C GLY A 290 29.05 -10.63 13.10
N LEU A 291 27.86 -11.18 13.36
CA LEU A 291 27.70 -12.52 13.93
C LEU A 291 27.47 -13.59 12.87
N GLU A 292 27.66 -14.83 13.30
CA GLU A 292 27.48 -15.98 12.44
C GLU A 292 26.71 -17.07 13.19
N PHE A 293 25.58 -17.51 12.64
CA PHE A 293 24.83 -18.64 13.21
C PHE A 293 24.92 -19.79 12.21
N PRO A 294 25.93 -20.66 12.35
CA PRO A 294 26.15 -21.70 11.33
C PRO A 294 25.08 -22.79 11.34
N ALA A 295 24.14 -22.70 12.27
CA ALA A 295 23.01 -23.63 12.35
C ALA A 295 21.70 -22.87 12.49
N CYS A 296 20.97 -22.75 11.39
CA CYS A 296 19.70 -22.07 11.46
C CYS A 296 18.71 -22.59 10.42
N PRO A 297 18.35 -23.88 10.51
CA PRO A 297 17.51 -24.49 9.47
C PRO A 297 16.19 -23.77 9.36
N PHE A 298 15.75 -23.59 8.13
CA PHE A 298 14.50 -22.92 7.87
C PHE A 298 13.70 -23.67 6.83
N ASN A 299 12.45 -23.26 6.68
CA ASN A 299 11.60 -23.86 5.66
C ASN A 299 10.59 -22.88 5.09
N GLY A 300 10.23 -23.12 3.86
CA GLY A 300 9.11 -22.48 3.22
C GLY A 300 8.21 -23.61 2.88
N TRP A 301 7.61 -23.54 1.70
CA TRP A 301 6.89 -24.66 1.14
C TRP A 301 7.28 -24.87 -0.30
N TYR A 302 6.76 -25.91 -0.92
CA TYR A 302 7.21 -26.34 -2.24
C TYR A 302 6.59 -25.54 -3.37
N MET A 303 7.39 -25.36 -4.41
CA MET A 303 6.94 -24.92 -5.71
C MET A 303 7.02 -26.14 -6.61
N GLY A 304 5.91 -26.49 -7.23
CA GLY A 304 5.80 -27.76 -7.91
C GLY A 304 6.97 -28.28 -8.72
N THR A 305 7.63 -27.39 -9.46
CA THR A 305 8.68 -27.77 -10.40
C THR A 305 9.93 -28.34 -9.72
N GLU A 306 10.09 -28.05 -8.43
CA GLU A 306 11.24 -28.53 -7.67
C GLU A 306 11.19 -30.05 -7.69
N ILE A 307 9.99 -30.55 -7.44
CA ILE A 307 9.74 -31.97 -7.40
C ILE A 307 9.46 -32.47 -8.80
N GLY A 308 8.60 -31.77 -9.52
CA GLY A 308 8.20 -32.21 -10.83
C GLY A 308 9.36 -32.25 -11.80
N VAL A 309 10.11 -31.16 -11.85
CA VAL A 309 11.12 -31.05 -12.88
C VAL A 309 12.51 -31.45 -12.38
N ARG A 310 12.91 -30.94 -11.22
CA ARG A 310 14.26 -31.24 -10.76
C ARG A 310 14.40 -32.62 -10.14
N ASP A 311 13.71 -32.83 -9.02
CA ASP A 311 13.81 -34.09 -8.29
C ASP A 311 13.42 -35.31 -9.09
N PHE A 312 12.32 -35.21 -9.85
CA PHE A 312 11.89 -36.35 -10.63
C PHE A 312 12.58 -36.41 -12.01
N CYS A 313 12.91 -35.28 -12.62
CA CYS A 313 13.40 -35.34 -14.00
C CYS A 313 14.88 -35.05 -14.26
N ASP A 314 15.61 -34.52 -13.28
CA ASP A 314 17.07 -34.42 -13.44
C ASP A 314 17.65 -35.81 -13.59
N THR A 315 18.55 -35.98 -14.54
CA THR A 315 19.10 -37.27 -14.83
C THR A 315 19.86 -37.77 -13.63
N GLN A 316 20.28 -36.85 -12.79
CA GLN A 316 21.11 -37.17 -11.65
C GLN A 316 20.26 -37.42 -10.42
N ARG A 317 18.96 -37.44 -10.58
CA ARG A 317 18.08 -37.72 -9.47
C ARG A 317 16.78 -38.40 -9.86
N TYR A 318 16.65 -39.70 -9.64
CA TYR A 318 15.36 -40.35 -9.90
C TYR A 318 15.12 -40.55 -11.37
N ASN A 319 15.20 -39.49 -12.16
CA ASN A 319 15.23 -39.63 -13.61
C ASN A 319 14.09 -40.42 -14.24
N ILE A 320 12.87 -40.12 -13.87
CA ILE A 320 11.72 -40.81 -14.42
C ILE A 320 11.34 -40.48 -15.88
N LEU A 321 11.92 -39.44 -16.47
CA LEU A 321 11.36 -38.80 -17.67
C LEU A 321 11.18 -39.74 -18.85
N GLU A 322 12.17 -40.59 -19.07
CA GLU A 322 12.04 -41.57 -20.14
C GLU A 322 10.88 -42.57 -19.88
N GLU A 323 10.66 -42.92 -18.62
CA GLU A 323 9.60 -43.87 -18.30
C GLU A 323 8.20 -43.30 -18.47
N VAL A 324 8.00 -42.09 -17.99
CA VAL A 324 6.72 -41.43 -18.19
C VAL A 324 6.56 -41.18 -19.69
N GLY A 325 7.68 -40.97 -20.37
CA GLY A 325 7.65 -40.87 -21.81
C GLY A 325 7.09 -42.14 -22.43
N ARG A 326 7.64 -43.29 -22.05
CA ARG A 326 7.22 -44.55 -22.65
C ARG A 326 5.78 -44.90 -22.34
N ARG A 327 5.32 -44.53 -21.15
CA ARG A 327 3.97 -44.90 -20.76
C ARG A 327 2.94 -43.98 -21.36
N MET A 328 3.39 -42.86 -21.91
CA MET A 328 2.46 -41.99 -22.62
C MET A 328 2.37 -42.46 -24.05
N GLY A 329 3.22 -43.43 -24.38
CA GLY A 329 3.29 -43.98 -25.72
C GLY A 329 3.84 -43.00 -26.73
N LEU A 330 4.71 -42.09 -26.29
CA LEU A 330 5.27 -41.08 -27.16
C LEU A 330 6.54 -41.59 -27.80
N GLU A 331 6.97 -40.92 -28.86
CA GLU A 331 8.11 -41.37 -29.62
C GLU A 331 9.39 -40.94 -28.91
N THR A 332 9.71 -41.69 -27.87
CA THR A 332 10.79 -41.31 -26.98
C THR A 332 12.16 -41.54 -27.59
N HIS A 333 12.19 -41.88 -28.88
CA HIS A 333 13.47 -42.12 -29.54
C HIS A 333 13.79 -41.07 -30.61
N THR A 334 12.90 -40.09 -30.73
CA THR A 334 13.14 -38.98 -31.63
C THR A 334 12.89 -37.65 -30.88
N LEU A 335 13.98 -36.90 -30.62
CA LEU A 335 13.94 -35.66 -29.83
C LEU A 335 13.09 -34.55 -30.45
N ALA A 336 13.00 -34.52 -31.77
CA ALA A 336 12.26 -33.46 -32.42
C ALA A 336 10.76 -33.64 -32.18
N SER A 337 10.34 -34.73 -31.54
CA SER A 337 8.90 -34.92 -31.30
C SER A 337 8.41 -34.13 -30.08
N LEU A 338 9.37 -33.63 -29.29
CA LEU A 338 9.09 -32.85 -28.09
C LEU A 338 8.37 -33.66 -27.03
N TRP A 339 8.68 -34.94 -26.98
CA TRP A 339 8.02 -35.84 -26.06
C TRP A 339 8.47 -35.49 -24.66
N LYS A 340 9.72 -35.05 -24.52
CA LYS A 340 10.18 -34.58 -23.24
C LYS A 340 9.32 -33.40 -22.77
N ASP A 341 8.93 -32.53 -23.69
CA ASP A 341 8.11 -31.36 -23.33
C ASP A 341 6.68 -31.75 -22.89
N ARG A 342 6.20 -32.90 -23.35
CA ARG A 342 4.86 -33.36 -23.02
C ARG A 342 4.87 -34.15 -21.71
N ALA A 343 5.94 -34.91 -21.50
CA ALA A 343 6.06 -35.77 -20.33
C ALA A 343 6.16 -34.94 -19.08
N VAL A 344 7.20 -34.11 -19.05
CA VAL A 344 7.48 -33.27 -17.91
C VAL A 344 6.28 -32.43 -17.50
N THR A 345 5.47 -32.03 -18.46
CA THR A 345 4.34 -31.17 -18.14
C THR A 345 3.33 -31.93 -17.35
N GLU A 346 3.11 -33.20 -17.75
CA GLU A 346 2.15 -34.04 -17.07
C GLU A 346 2.65 -34.42 -15.66
N ILE A 347 3.94 -34.71 -15.53
CA ILE A 347 4.52 -34.93 -14.22
C ILE A 347 4.28 -33.74 -13.30
N ASN A 348 4.54 -32.53 -13.79
CA ASN A 348 4.20 -31.33 -13.03
C ASN A 348 2.73 -31.33 -12.67
N VAL A 349 1.91 -31.85 -13.58
CA VAL A 349 0.46 -31.91 -13.34
C VAL A 349 0.18 -32.94 -12.24
N ALA A 350 0.90 -34.07 -12.28
CA ALA A 350 0.79 -35.05 -11.23
C ALA A 350 1.05 -34.42 -9.87
N VAL A 351 2.25 -33.84 -9.70
CA VAL A 351 2.67 -33.27 -8.42
C VAL A 351 1.68 -32.23 -7.86
N LEU A 352 1.31 -31.25 -8.68
CA LEU A 352 0.39 -30.21 -8.23
C LEU A 352 -0.94 -30.86 -7.85
N HIS A 353 -1.37 -31.85 -8.64
CA HIS A 353 -2.64 -32.51 -8.38
C HIS A 353 -2.62 -33.34 -7.09
N SER A 354 -1.54 -34.08 -6.88
CA SER A 354 -1.37 -34.86 -5.67
C SER A 354 -1.23 -34.00 -4.41
N PHE A 355 -0.57 -32.85 -4.50
CA PHE A 355 -0.47 -31.99 -3.33
C PHE A 355 -1.83 -31.38 -2.97
N GLN A 356 -2.61 -31.00 -3.97
CA GLN A 356 -3.91 -30.40 -3.68
C GLN A 356 -4.92 -31.43 -3.13
N LYS A 357 -4.93 -32.63 -3.72
CA LYS A 357 -5.86 -33.67 -3.30
C LYS A 357 -5.64 -33.98 -1.84
N GLN A 358 -4.37 -34.02 -1.42
CA GLN A 358 -4.04 -34.41 -0.05
C GLN A 358 -3.78 -33.23 0.87
N ASN A 359 -4.25 -32.05 0.49
CA ASN A 359 -4.17 -30.86 1.33
C ASN A 359 -2.78 -30.45 1.82
N VAL A 360 -1.82 -30.44 0.90
CA VAL A 360 -0.51 -29.98 1.25
C VAL A 360 -0.21 -28.72 0.47
N THR A 361 0.24 -27.70 1.20
CA THR A 361 0.54 -26.41 0.59
C THR A 361 1.50 -26.59 -0.57
N ILE A 362 1.14 -26.02 -1.70
CA ILE A 362 2.04 -26.00 -2.83
C ILE A 362 1.66 -24.84 -3.72
N MET A 363 2.61 -24.44 -4.56
CA MET A 363 2.44 -23.34 -5.49
C MET A 363 3.05 -23.73 -6.81
N ASP A 364 2.29 -23.49 -7.89
CA ASP A 364 2.78 -23.76 -9.24
C ASP A 364 3.70 -22.61 -9.59
N HIS A 365 4.55 -22.82 -10.59
CA HIS A 365 5.60 -21.87 -10.90
C HIS A 365 5.12 -20.63 -11.63
N HIS A 366 3.96 -20.70 -12.27
CA HIS A 366 3.42 -19.52 -12.94
C HIS A 366 2.99 -18.54 -11.90
N THR A 367 2.28 -19.04 -10.91
CA THR A 367 1.79 -18.23 -9.83
C THR A 367 2.92 -17.63 -9.01
N ALA A 368 3.96 -18.42 -8.74
CA ALA A 368 5.07 -17.96 -7.92
C ALA A 368 5.77 -16.81 -8.63
N SER A 369 5.89 -16.95 -9.95
CA SER A 369 6.58 -15.97 -10.76
C SER A 369 5.85 -14.64 -10.75
N GLU A 370 4.54 -14.67 -10.83
CA GLU A 370 3.81 -13.42 -10.81
C GLU A 370 3.94 -12.81 -9.43
N SER A 371 3.99 -13.68 -8.42
CA SER A 371 4.10 -13.25 -7.04
C SER A 371 5.43 -12.54 -6.83
N PHE A 372 6.50 -13.12 -7.35
CA PHE A 372 7.79 -12.49 -7.19
C PHE A 372 7.85 -11.12 -7.88
N MET A 373 7.26 -11.02 -9.07
CA MET A 373 7.25 -9.76 -9.80
C MET A 373 6.55 -8.67 -9.00
N LYS A 374 5.43 -9.01 -8.36
CA LYS A 374 4.73 -8.09 -7.46
C LYS A 374 5.67 -7.68 -6.33
N HIS A 375 6.44 -8.63 -5.84
CA HIS A 375 7.34 -8.37 -4.73
C HIS A 375 8.39 -7.34 -5.14
N MET A 376 9.00 -7.58 -6.29
CA MET A 376 10.07 -6.75 -6.82
C MET A 376 9.56 -5.31 -6.98
N GLN A 377 8.37 -5.18 -7.55
CA GLN A 377 7.77 -3.86 -7.69
C GLN A 377 7.60 -3.22 -6.31
N ASN A 378 7.21 -4.00 -5.31
CA ASN A 378 7.07 -3.48 -3.94
C ASN A 378 8.42 -3.16 -3.34
N GLU A 379 9.40 -4.02 -3.59
CA GLU A 379 10.73 -3.81 -3.03
C GLU A 379 11.45 -2.59 -3.61
N TYR A 380 11.21 -2.27 -4.89
CA TYR A 380 11.86 -1.12 -5.51
C TYR A 380 11.31 0.23 -5.03
N ARG A 381 10.00 0.33 -4.83
CA ARG A 381 9.49 1.58 -4.28
C ARG A 381 9.89 1.67 -2.82
N ALA A 382 9.84 0.55 -2.09
CA ALA A 382 10.05 0.61 -0.64
C ALA A 382 11.50 0.92 -0.29
N ARG A 383 12.44 0.32 -0.99
CA ARG A 383 13.81 0.56 -0.65
C ARG A 383 14.76 0.56 -1.84
N GLY A 384 14.22 0.89 -3.01
CA GLY A 384 15.04 1.16 -4.18
C GLY A 384 15.88 0.00 -4.66
N GLY A 385 15.31 -1.20 -4.61
CA GLY A 385 16.02 -2.35 -5.12
C GLY A 385 15.57 -3.66 -4.53
N CYS A 386 16.05 -4.74 -5.16
CA CYS A 386 15.76 -6.08 -4.72
C CYS A 386 16.86 -6.93 -5.32
N PRO A 387 17.72 -7.49 -4.49
CA PRO A 387 18.76 -8.36 -5.05
C PRO A 387 18.10 -9.61 -5.71
N ALA A 388 18.61 -10.10 -6.84
CA ALA A 388 17.93 -11.19 -7.53
C ALA A 388 18.83 -11.97 -8.48
N ASP A 389 18.80 -13.30 -8.40
CA ASP A 389 19.62 -14.14 -9.29
C ASP A 389 18.73 -14.80 -10.34
N TRP A 390 18.71 -14.16 -11.51
CA TRP A 390 17.90 -14.55 -12.64
C TRP A 390 18.03 -16.05 -12.87
N ILE A 391 19.25 -16.54 -12.81
CA ILE A 391 19.54 -17.94 -13.13
C ILE A 391 18.79 -18.86 -12.15
N TRP A 392 18.39 -18.32 -11.01
CA TRP A 392 17.69 -19.14 -10.05
C TRP A 392 16.19 -18.86 -10.01
N LEU A 393 15.81 -17.59 -10.22
CA LEU A 393 14.42 -17.19 -10.08
C LEU A 393 13.57 -17.61 -11.28
N VAL A 394 14.23 -17.98 -12.37
CA VAL A 394 13.51 -18.49 -13.52
C VAL A 394 13.34 -19.99 -13.38
N PRO A 395 12.08 -20.48 -13.48
CA PRO A 395 11.78 -21.90 -13.30
C PRO A 395 12.50 -22.75 -14.34
N PRO A 396 12.76 -24.02 -14.02
CA PRO A 396 13.48 -24.92 -14.90
C PRO A 396 12.62 -25.47 -16.06
N VAL A 397 11.36 -25.07 -16.14
CA VAL A 397 10.60 -25.28 -17.38
C VAL A 397 9.86 -23.98 -17.62
N SER A 398 9.53 -23.76 -18.90
CA SER A 398 8.67 -22.66 -19.35
C SER A 398 9.17 -21.26 -18.97
N GLY A 399 10.47 -21.03 -19.17
CA GLY A 399 11.10 -19.77 -18.85
C GLY A 399 10.38 -18.50 -19.29
N SER A 400 10.34 -18.24 -20.61
CA SER A 400 9.82 -16.95 -21.09
C SER A 400 8.32 -16.80 -20.99
N ILE A 401 7.63 -17.87 -20.62
CA ILE A 401 6.19 -17.82 -20.38
C ILE A 401 5.91 -17.15 -19.02
N THR A 402 6.88 -17.22 -18.10
CA THR A 402 6.75 -16.51 -16.84
C THR A 402 7.29 -15.11 -17.02
N PRO A 403 6.75 -14.13 -16.30
CA PRO A 403 7.23 -12.74 -16.40
C PRO A 403 8.67 -12.51 -15.92
N VAL A 404 9.20 -13.37 -15.06
CA VAL A 404 10.52 -13.18 -14.46
C VAL A 404 11.63 -13.28 -15.51
N PHE A 405 11.38 -14.06 -16.55
CA PHE A 405 12.30 -14.20 -17.66
C PHE A 405 12.68 -12.85 -18.28
N HIS A 406 11.68 -11.97 -18.35
CA HIS A 406 11.82 -10.76 -19.13
C HIS A 406 12.28 -9.59 -18.29
N GLN A 407 12.39 -9.81 -17.00
CA GLN A 407 12.82 -8.75 -16.10
C GLN A 407 14.33 -8.83 -15.89
N GLU A 408 15.01 -7.73 -16.16
CA GLU A 408 16.43 -7.63 -15.89
C GLU A 408 16.60 -7.51 -14.39
N MET A 409 17.68 -8.10 -13.88
CA MET A 409 17.92 -8.20 -12.46
C MET A 409 19.36 -7.95 -12.16
N LEU A 410 19.60 -7.38 -10.98
CA LEU A 410 20.93 -7.19 -10.44
C LEU A 410 21.03 -8.11 -9.25
N ASN A 411 22.16 -8.78 -9.13
CA ASN A 411 22.39 -9.76 -8.08
C ASN A 411 23.49 -9.23 -7.16
N TYR A 412 23.16 -8.97 -5.90
CA TYR A 412 24.19 -8.51 -4.95
C TYR A 412 23.96 -9.02 -3.50
N VAL A 413 25.07 -9.25 -2.79
CA VAL A 413 25.04 -9.71 -1.41
C VAL A 413 24.96 -8.57 -0.38
N LEU A 414 23.84 -8.43 0.31
CA LEU A 414 23.67 -7.44 1.35
C LEU A 414 23.90 -8.12 2.68
N SER A 415 23.48 -7.44 3.76
CA SER A 415 23.52 -7.98 5.12
C SER A 415 22.27 -7.55 5.87
N PRO A 416 21.67 -8.49 6.63
CA PRO A 416 22.07 -9.88 6.87
C PRO A 416 21.90 -10.76 5.62
N PHE A 417 22.28 -12.03 5.76
CA PHE A 417 22.39 -12.85 4.59
C PHE A 417 22.46 -14.31 5.01
N TYR A 418 21.96 -15.19 4.16
CA TYR A 418 22.13 -16.60 4.37
C TYR A 418 23.21 -17.09 3.44
N TYR A 419 24.37 -17.44 3.98
CA TYR A 419 25.48 -17.93 3.15
C TYR A 419 25.48 -19.44 3.06
N TYR A 420 26.20 -19.98 2.08
CA TYR A 420 26.47 -21.41 2.03
C TYR A 420 27.64 -21.66 2.94
N GLN A 421 27.94 -22.92 3.22
CA GLN A 421 29.10 -23.23 4.05
C GLN A 421 29.89 -24.36 3.42
N ILE A 422 31.09 -24.64 3.93
CA ILE A 422 31.81 -25.81 3.44
C ILE A 422 31.21 -27.04 4.10
N GLU A 423 31.14 -28.12 3.32
CA GLU A 423 30.65 -29.39 3.82
C GLU A 423 31.46 -29.77 5.06
N PRO A 424 30.78 -29.88 6.22
CA PRO A 424 31.42 -30.09 7.52
C PRO A 424 32.29 -31.33 7.57
N TRP A 425 31.93 -32.39 6.83
CA TRP A 425 32.74 -33.61 6.86
C TRP A 425 34.12 -33.43 6.24
N LYS A 426 34.29 -32.36 5.47
CA LYS A 426 35.57 -32.02 4.87
C LYS A 426 36.41 -31.18 5.80
N THR A 427 35.85 -30.83 6.94
CA THR A 427 36.57 -30.00 7.86
C THR A 427 36.35 -30.38 9.33
N HIS A 428 35.73 -31.53 9.59
CA HIS A 428 35.52 -31.93 10.98
C HIS A 428 36.78 -32.43 11.68
N ILE A 429 36.84 -32.07 12.96
CA ILE A 429 38.04 -32.12 13.77
C ILE A 429 37.86 -33.04 14.99
N TYR B 13 -4.94 8.63 23.27
CA TYR B 13 -5.85 8.52 22.13
C TYR B 13 -7.38 8.54 22.45
N VAL B 14 -8.20 8.30 21.43
CA VAL B 14 -9.65 8.17 21.58
C VAL B 14 -10.05 6.99 20.75
N ARG B 15 -10.79 6.06 21.35
CA ARG B 15 -11.15 4.82 20.70
C ARG B 15 -12.45 5.08 19.93
N ILE B 16 -12.51 4.74 18.63
CA ILE B 16 -13.78 4.85 17.88
C ILE B 16 -14.14 3.57 17.13
N LYS B 17 -15.41 3.24 17.11
CA LYS B 17 -15.89 1.94 16.65
C LYS B 17 -16.71 2.04 15.36
N ASN B 18 -16.50 1.08 14.46
CA ASN B 18 -17.42 0.89 13.35
C ASN B 18 -18.37 -0.25 13.69
N TRP B 19 -19.66 0.04 13.82
CA TRP B 19 -20.61 -0.92 14.34
C TRP B 19 -21.05 -1.98 13.35
N GLY B 20 -20.57 -1.85 12.12
CA GLY B 20 -20.90 -2.83 11.09
C GLY B 20 -19.86 -3.93 11.07
N SER B 21 -18.59 -3.52 11.04
CA SER B 21 -17.48 -4.46 10.95
C SER B 21 -16.93 -4.87 12.30
N GLY B 22 -17.29 -4.14 13.34
CA GLY B 22 -16.79 -4.40 14.69
C GLY B 22 -15.38 -3.89 14.87
N GLU B 23 -14.81 -3.35 13.80
CA GLU B 23 -13.44 -2.87 13.82
C GLU B 23 -13.26 -1.62 14.71
N ILE B 24 -12.11 -1.55 15.37
CA ILE B 24 -11.80 -0.45 16.29
C ILE B 24 -10.60 0.32 15.77
N LEU B 25 -10.61 1.63 15.96
CA LEU B 25 -9.54 2.47 15.48
C LEU B 25 -9.21 3.48 16.58
N HIS B 26 -7.93 3.85 16.66
CA HIS B 26 -7.44 4.77 17.69
C HIS B 26 -7.06 6.08 17.06
N ASP B 27 -7.69 7.17 17.49
CA ASP B 27 -7.41 8.47 16.91
C ASP B 27 -6.35 9.19 17.72
N THR B 28 -5.25 9.54 17.07
CA THR B 28 -4.19 10.27 17.72
C THR B 28 -4.12 11.65 17.08
N LEU B 29 -4.63 11.78 15.85
CA LEU B 29 -4.44 13.00 15.06
C LEU B 29 -5.15 14.21 15.65
N HIS B 30 -6.16 14.01 16.49
CA HIS B 30 -6.86 15.16 17.06
C HIS B 30 -5.97 15.98 17.99
N HIS B 31 -4.89 15.40 18.49
CA HIS B 31 -4.01 16.15 19.38
C HIS B 31 -3.46 17.36 18.63
N LYS B 32 -3.39 17.25 17.30
CA LYS B 32 -2.84 18.35 16.51
C LYS B 32 -3.94 19.34 16.12
N ALA B 33 -5.09 19.25 16.79
CA ALA B 33 -6.22 20.10 16.46
C ALA B 33 -5.98 21.53 16.90
N THR B 34 -6.97 22.38 16.68
CA THR B 34 -6.83 23.79 17.02
C THR B 34 -7.89 24.17 18.05
N SER B 35 -8.23 25.46 18.09
CA SER B 35 -9.18 25.97 19.09
C SER B 35 -9.63 27.39 18.75
N GLY B 46 -23.26 21.02 17.76
CA GLY B 46 -23.99 19.86 17.27
C GLY B 46 -24.22 19.86 15.76
N SER B 47 -25.49 19.94 15.39
CA SER B 47 -25.93 19.98 13.99
C SER B 47 -26.03 21.38 13.34
N ILE B 48 -25.21 22.33 13.78
CA ILE B 48 -25.27 23.69 13.25
C ILE B 48 -24.50 23.84 11.94
N MET B 49 -25.11 24.48 10.94
CA MET B 49 -24.48 24.57 9.63
C MET B 49 -23.25 25.48 9.58
N ASN B 50 -23.43 26.74 9.99
CA ASN B 50 -22.33 27.70 9.97
C ASN B 50 -21.92 28.22 11.34
N PRO B 51 -21.37 27.34 12.19
CA PRO B 51 -20.91 27.78 13.52
C PRO B 51 -19.69 28.71 13.42
N LYS B 52 -19.53 29.63 14.37
CA LYS B 52 -18.36 30.50 14.39
C LYS B 52 -17.03 29.74 14.36
N SER B 53 -16.96 28.58 15.00
CA SER B 53 -15.71 27.82 14.96
C SER B 53 -15.29 27.43 13.55
N LEU B 54 -16.24 27.47 12.61
CA LEU B 54 -15.94 27.13 11.22
C LEU B 54 -15.91 28.37 10.33
N THR B 55 -16.11 29.54 10.92
CA THR B 55 -16.02 30.76 10.13
C THR B 55 -14.72 31.45 10.44
N ARG B 56 -14.06 31.97 9.42
CA ARG B 56 -12.88 32.79 9.63
C ARG B 56 -13.21 34.12 8.99
N GLY B 57 -13.62 35.08 9.82
CA GLY B 57 -14.14 36.34 9.32
C GLY B 57 -13.12 37.43 9.01
N PRO B 58 -13.62 38.63 8.71
CA PRO B 58 -12.79 39.74 8.21
C PRO B 58 -11.86 40.41 9.24
N ARG B 59 -10.99 41.29 8.73
CA ARG B 59 -10.04 42.04 9.55
C ARG B 59 -10.03 43.56 9.24
N ASP B 60 -9.23 44.29 10.03
CA ASP B 60 -9.03 45.73 9.87
C ASP B 60 -7.56 46.06 10.05
N LYS B 61 -6.79 45.05 10.42
CA LYS B 61 -5.40 45.21 10.75
C LYS B 61 -4.74 43.91 10.36
N PRO B 62 -3.46 43.98 9.98
CA PRO B 62 -2.74 42.76 9.63
C PRO B 62 -2.70 41.79 10.82
N THR B 63 -2.39 40.54 10.53
CA THR B 63 -2.38 39.49 11.52
C THR B 63 -1.21 39.65 12.48
N PRO B 64 -1.48 39.90 13.78
CA PRO B 64 -0.45 40.04 14.81
C PRO B 64 0.68 39.04 14.68
N LEU B 65 1.91 39.53 14.82
CA LEU B 65 3.09 38.72 14.59
C LEU B 65 3.11 37.51 15.53
N GLU B 66 2.64 37.68 16.77
CA GLU B 66 2.67 36.51 17.63
C GLU B 66 1.60 35.46 17.26
N GLU B 67 0.47 35.89 16.70
CA GLU B 67 -0.41 34.91 16.08
C GLU B 67 0.33 34.29 14.88
N LEU B 68 0.71 35.17 13.95
CA LEU B 68 1.30 34.78 12.66
C LEU B 68 2.55 33.89 12.72
N LEU B 69 3.52 34.26 13.54
CA LEU B 69 4.83 33.62 13.52
C LEU B 69 4.88 32.11 13.88
N PRO B 70 4.32 31.71 15.03
CA PRO B 70 4.40 30.29 15.39
C PRO B 70 3.52 29.39 14.52
N HIS B 71 2.55 30.00 13.83
CA HIS B 71 1.72 29.31 12.85
C HIS B 71 2.55 28.93 11.62
N ALA B 72 3.36 29.89 11.18
CA ALA B 72 4.18 29.72 9.99
C ALA B 72 5.26 28.67 10.25
N ILE B 73 5.89 28.74 11.40
CA ILE B 73 6.91 27.78 11.73
C ILE B 73 6.31 26.38 11.74
N GLU B 74 5.09 26.28 12.25
CA GLU B 74 4.39 25.00 12.32
C GLU B 74 4.07 24.49 10.90
N PHE B 75 3.52 25.37 10.06
CA PHE B 75 3.27 24.99 8.67
C PHE B 75 4.50 24.48 7.95
N ILE B 76 5.57 25.26 8.06
CA ILE B 76 6.84 24.97 7.41
C ILE B 76 7.39 23.62 7.86
N ASN B 77 7.05 23.19 9.08
CA ASN B 77 7.57 21.93 9.58
C ASN B 77 6.75 20.78 9.01
N GLN B 78 5.45 21.02 8.88
CA GLN B 78 4.50 20.07 8.29
C GLN B 78 4.97 19.80 6.90
N TYR B 79 5.27 20.89 6.20
CA TYR B 79 5.76 20.86 4.83
C TYR B 79 7.04 20.05 4.69
N TYR B 80 8.05 20.38 5.47
CA TYR B 80 9.30 19.64 5.37
C TYR B 80 9.21 18.24 5.97
N GLY B 81 8.14 17.98 6.72
CA GLY B 81 7.98 16.68 7.35
C GLY B 81 7.20 15.73 6.48
N SER B 82 6.86 16.20 5.29
CA SER B 82 6.03 15.43 4.37
C SER B 82 6.86 14.64 3.38
N PHE B 83 8.15 14.97 3.27
CA PHE B 83 9.01 14.35 2.27
C PHE B 83 9.44 12.94 2.68
N LYS B 84 9.58 12.04 1.71
CA LYS B 84 9.99 10.67 2.00
C LYS B 84 11.44 10.64 2.49
N GLU B 85 12.30 11.42 1.84
CA GLU B 85 13.66 11.66 2.31
C GLU B 85 13.73 13.07 2.89
N ALA B 86 14.01 13.19 4.19
CA ALA B 86 14.07 14.49 4.82
C ALA B 86 15.14 15.37 4.17
N LYS B 87 14.91 16.68 4.21
CA LYS B 87 15.82 17.67 3.64
C LYS B 87 16.18 18.73 4.69
N ILE B 88 16.84 18.29 5.76
CA ILE B 88 17.01 19.09 6.97
C ILE B 88 17.71 20.42 6.72
N GLU B 89 18.59 20.46 5.72
CA GLU B 89 19.29 21.70 5.39
C GLU B 89 18.31 22.77 4.91
N GLU B 90 17.51 22.42 3.90
CA GLU B 90 16.58 23.38 3.34
C GLU B 90 15.46 23.66 4.34
N HIS B 91 15.15 22.65 5.17
CA HIS B 91 14.16 22.78 6.23
C HIS B 91 14.55 23.95 7.15
N LEU B 92 15.76 23.88 7.71
CA LEU B 92 16.28 24.94 8.58
C LEU B 92 16.39 26.27 7.86
N ALA B 93 16.81 26.22 6.60
CA ALA B 93 16.97 27.44 5.83
C ALA B 93 15.63 28.17 5.66
N ARG B 94 14.57 27.41 5.42
CA ARG B 94 13.27 27.99 5.14
C ARG B 94 12.62 28.54 6.42
N LEU B 95 12.79 27.78 7.51
CA LEU B 95 12.35 28.23 8.82
C LEU B 95 12.93 29.59 9.11
N GLU B 96 14.26 29.63 9.04
CA GLU B 96 14.98 30.85 9.32
C GLU B 96 14.56 31.99 8.39
N ALA B 97 14.51 31.74 7.09
CA ALA B 97 14.16 32.81 6.15
C ALA B 97 12.74 33.37 6.40
N VAL B 98 11.77 32.46 6.59
CA VAL B 98 10.38 32.83 6.86
C VAL B 98 10.22 33.65 8.17
N THR B 99 11.02 33.28 9.19
CA THR B 99 11.07 34.01 10.44
C THR B 99 11.55 35.43 10.21
N LYS B 100 12.69 35.56 9.55
CA LYS B 100 13.23 36.90 9.29
C LYS B 100 12.27 37.71 8.43
N GLU B 101 11.64 37.04 7.47
CA GLU B 101 10.70 37.74 6.60
C GLU B 101 9.47 38.30 7.34
N ILE B 102 8.90 37.52 8.26
CA ILE B 102 7.73 37.95 9.04
C ILE B 102 8.06 39.06 10.02
N GLU B 103 9.20 38.93 10.70
CA GLU B 103 9.71 39.97 11.61
C GLU B 103 9.93 41.32 10.87
N THR B 104 10.56 41.26 9.70
CA THR B 104 10.94 42.47 8.96
C THR B 104 9.82 43.13 8.14
N THR B 105 8.91 42.33 7.58
CA THR B 105 7.85 42.88 6.73
C THR B 105 6.44 42.69 7.27
N GLY B 106 6.29 41.83 8.28
CA GLY B 106 5.00 41.60 8.92
C GLY B 106 4.13 40.53 8.26
N THR B 107 4.75 39.66 7.48
CA THR B 107 4.08 38.57 6.78
C THR B 107 5.11 37.74 6.03
N TYR B 108 4.64 36.75 5.28
CA TYR B 108 5.52 36.03 4.39
C TYR B 108 4.76 35.58 3.17
N GLN B 109 5.52 35.12 2.19
CA GLN B 109 4.92 34.60 0.97
C GLN B 109 5.34 33.15 0.82
N LEU B 110 4.41 32.34 0.34
CA LEU B 110 4.61 30.91 0.19
C LEU B 110 5.31 30.54 -1.11
N THR B 111 6.16 29.52 -1.08
CA THR B 111 6.71 29.01 -2.32
C THR B 111 5.53 28.34 -2.98
N LEU B 112 5.54 28.28 -4.32
CA LEU B 112 4.45 27.67 -5.07
C LEU B 112 4.24 26.23 -4.58
N ASP B 113 5.35 25.54 -4.38
CA ASP B 113 5.32 24.16 -3.96
C ASP B 113 4.69 24.01 -2.57
N GLU B 114 4.93 25.00 -1.71
CA GLU B 114 4.30 25.04 -0.39
C GLU B 114 2.79 25.23 -0.55
N LEU B 115 2.39 26.18 -1.40
CA LEU B 115 0.96 26.44 -1.64
C LEU B 115 0.24 25.19 -2.16
N ILE B 116 0.77 24.59 -3.23
CA ILE B 116 0.22 23.36 -3.77
C ILE B 116 -0.05 22.36 -2.65
N PHE B 117 0.99 22.13 -1.85
CA PHE B 117 0.87 21.26 -0.69
C PHE B 117 -0.24 21.69 0.24
N ALA B 118 -0.40 23.00 0.43
CA ALA B 118 -1.38 23.50 1.38
C ALA B 118 -2.80 23.27 0.88
N THR B 119 -3.05 23.48 -0.41
CA THR B 119 -4.42 23.31 -0.97
C THR B 119 -4.90 21.88 -0.83
N LYS B 120 -4.03 20.92 -1.13
CA LYS B 120 -4.34 19.52 -0.96
C LYS B 120 -4.46 19.14 0.51
N MET B 121 -3.57 19.66 1.35
CA MET B 121 -3.68 19.40 2.79
C MET B 121 -5.00 19.99 3.32
N ALA B 122 -5.28 21.24 2.98
CA ALA B 122 -6.52 21.88 3.39
C ALA B 122 -7.72 21.06 2.94
N TRP B 123 -7.64 20.52 1.73
CA TRP B 123 -8.68 19.63 1.21
C TRP B 123 -8.72 18.37 2.06
N ARG B 124 -7.54 17.77 2.25
CA ARG B 124 -7.38 16.58 3.10
C ARG B 124 -8.02 16.74 4.47
N ASN B 125 -8.05 17.99 4.94
CA ASN B 125 -8.55 18.38 6.27
C ASN B 125 -9.95 18.99 6.23
N ALA B 126 -10.74 18.72 5.21
CA ALA B 126 -12.12 19.24 5.19
C ALA B 126 -13.04 18.18 5.76
N PRO B 127 -13.43 18.33 7.02
CA PRO B 127 -14.18 17.20 7.59
C PRO B 127 -15.54 17.00 6.93
N ARG B 128 -16.01 17.95 6.13
CA ARG B 128 -17.32 17.75 5.54
C ARG B 128 -17.30 17.20 4.11
N CYS B 129 -16.12 16.89 3.57
CA CYS B 129 -16.00 16.38 2.19
C CYS B 129 -15.84 14.88 2.16
N ILE B 130 -16.63 14.24 1.28
CA ILE B 130 -16.66 12.80 1.12
C ILE B 130 -15.70 12.23 0.07
N GLY B 131 -15.12 13.11 -0.74
CA GLY B 131 -14.33 12.65 -1.86
C GLY B 131 -12.85 12.71 -1.61
N ARG B 132 -12.49 12.83 -0.35
CA ARG B 132 -11.10 13.11 -0.01
C ARG B 132 -10.09 12.00 -0.32
N ILE B 133 -10.53 10.89 -0.91
CA ILE B 133 -9.55 9.90 -1.37
C ILE B 133 -8.79 10.52 -2.54
N GLN B 134 -9.33 11.58 -3.11
CA GLN B 134 -8.73 12.23 -4.26
C GLN B 134 -7.83 13.40 -3.83
N TRP B 135 -7.58 13.50 -2.54
CA TRP B 135 -7.03 14.71 -1.95
C TRP B 135 -5.68 15.15 -2.56
N SER B 136 -4.86 14.20 -3.01
CA SER B 136 -3.56 14.56 -3.58
C SER B 136 -3.61 14.71 -5.10
N ASN B 137 -4.82 14.72 -5.66
CA ASN B 137 -5.02 14.80 -7.09
C ASN B 137 -5.73 16.11 -7.42
N LEU B 138 -5.00 17.20 -7.32
CA LEU B 138 -5.58 18.52 -7.52
C LEU B 138 -4.68 19.39 -8.40
N GLN B 139 -5.29 20.24 -9.20
CA GLN B 139 -4.58 21.15 -10.06
C GLN B 139 -4.72 22.52 -9.43
N VAL B 140 -3.59 23.23 -9.32
CA VAL B 140 -3.59 24.51 -8.63
C VAL B 140 -3.28 25.61 -9.64
N PHE B 141 -4.10 26.66 -9.65
CA PHE B 141 -3.82 27.82 -10.49
C PHE B 141 -3.41 28.96 -9.57
N ASP B 142 -2.11 29.27 -9.61
CA ASP B 142 -1.52 30.36 -8.86
C ASP B 142 -1.83 31.68 -9.54
N ALA B 143 -2.78 32.42 -8.99
CA ALA B 143 -3.15 33.71 -9.54
C ALA B 143 -2.89 34.77 -8.46
N ARG B 144 -1.90 34.50 -7.63
CA ARG B 144 -1.59 35.39 -6.52
C ARG B 144 -1.09 36.78 -6.94
N ASN B 145 -0.88 36.98 -8.23
CA ASN B 145 -0.37 38.25 -8.76
C ASN B 145 -1.44 38.97 -9.57
N CYS B 146 -2.66 38.48 -9.45
CA CYS B 146 -3.85 39.12 -10.01
C CYS B 146 -3.89 40.49 -9.38
N SER B 147 -4.48 41.47 -10.04
CA SER B 147 -4.56 42.81 -9.45
C SER B 147 -5.92 43.45 -9.66
N THR B 148 -6.63 43.00 -10.68
CA THR B 148 -7.94 43.54 -11.00
C THR B 148 -9.06 42.49 -11.20
N ALA B 149 -10.30 42.97 -11.11
CA ALA B 149 -11.49 42.15 -11.33
C ALA B 149 -11.44 41.43 -12.67
N GLN B 150 -11.08 42.17 -13.72
CA GLN B 150 -11.02 41.62 -15.05
C GLN B 150 -10.01 40.46 -15.14
N GLU B 151 -8.91 40.55 -14.40
CA GLU B 151 -7.94 39.46 -14.30
C GLU B 151 -8.47 38.27 -13.49
N MET B 152 -9.34 38.57 -12.52
CA MET B 152 -10.03 37.53 -11.76
C MET B 152 -10.94 36.80 -12.71
N PHE B 153 -11.82 37.56 -13.34
CA PHE B 153 -12.78 37.02 -14.30
C PHE B 153 -12.14 36.18 -15.40
N GLN B 154 -10.90 36.49 -15.75
CA GLN B 154 -10.19 35.72 -16.75
C GLN B 154 -9.71 34.43 -16.15
N HIS B 155 -9.18 34.51 -14.94
CA HIS B 155 -8.69 33.31 -14.26
C HIS B 155 -9.83 32.33 -13.99
N ILE B 156 -10.98 32.88 -13.60
CA ILE B 156 -12.15 32.06 -13.32
C ILE B 156 -12.63 31.37 -14.60
N CYS B 157 -12.55 32.09 -15.72
CA CYS B 157 -12.89 31.49 -17.02
C CYS B 157 -11.91 30.41 -17.38
N ARG B 158 -10.63 30.63 -17.08
CA ARG B 158 -9.65 29.59 -17.32
C ARG B 158 -9.99 28.35 -16.50
N HIS B 159 -10.38 28.59 -15.24
CA HIS B 159 -10.67 27.51 -14.31
C HIS B 159 -11.88 26.72 -14.80
N ILE B 160 -12.99 27.40 -15.02
CA ILE B 160 -14.22 26.75 -15.50
C ILE B 160 -13.94 25.86 -16.70
N LEU B 161 -13.06 26.32 -17.57
CA LEU B 161 -12.71 25.58 -18.78
C LEU B 161 -11.76 24.43 -18.50
N TYR B 162 -10.79 24.63 -17.63
CA TYR B 162 -9.88 23.53 -17.32
C TYR B 162 -10.65 22.44 -16.66
N ALA B 163 -11.38 22.87 -15.64
CA ALA B 163 -12.07 21.98 -14.75
C ALA B 163 -13.14 21.19 -15.50
N THR B 164 -13.87 21.84 -16.41
CA THR B 164 -14.98 21.17 -17.10
C THR B 164 -14.52 20.09 -18.08
N ASN B 165 -13.46 20.37 -18.83
CA ASN B 165 -12.82 19.42 -19.74
C ASN B 165 -13.78 18.54 -20.56
N ASN B 166 -14.77 19.20 -21.15
CA ASN B 166 -15.76 18.55 -22.00
C ASN B 166 -16.55 17.45 -21.28
N GLY B 167 -16.70 17.60 -19.96
CA GLY B 167 -17.51 16.66 -19.19
C GLY B 167 -16.68 15.59 -18.50
N ASN B 168 -15.39 15.53 -18.80
CA ASN B 168 -14.49 14.69 -18.02
C ASN B 168 -13.94 15.58 -16.91
N ILE B 169 -14.74 15.79 -15.86
CA ILE B 169 -14.46 16.82 -14.87
C ILE B 169 -13.11 16.63 -14.16
N ARG B 170 -12.39 17.72 -13.93
CA ARG B 170 -11.09 17.67 -13.26
C ARG B 170 -11.03 18.60 -12.03
N SER B 171 -10.52 18.10 -10.90
CA SER B 171 -10.42 18.95 -9.70
C SER B 171 -9.39 20.06 -9.85
N ALA B 172 -9.79 21.29 -9.56
CA ALA B 172 -8.86 22.40 -9.62
C ALA B 172 -9.17 23.48 -8.57
N ILE B 173 -8.18 24.31 -8.28
CA ILE B 173 -8.42 25.46 -7.43
C ILE B 173 -7.64 26.65 -7.97
N THR B 174 -8.25 27.83 -7.88
CA THR B 174 -7.55 29.07 -8.18
C THR B 174 -7.31 29.93 -6.92
N VAL B 175 -6.05 30.03 -6.51
CA VAL B 175 -5.65 30.82 -5.34
C VAL B 175 -5.37 32.26 -5.75
N PHE B 176 -6.15 33.19 -5.21
CA PHE B 176 -5.96 34.61 -5.50
C PHE B 176 -5.13 35.25 -4.37
N PRO B 177 -4.76 36.54 -4.50
CA PRO B 177 -3.86 37.11 -3.48
C PRO B 177 -4.34 37.05 -2.03
N GLN B 178 -3.45 36.60 -1.16
CA GLN B 178 -3.73 36.55 0.27
C GLN B 178 -4.12 37.89 0.88
N ARG B 179 -5.01 37.83 1.85
CA ARG B 179 -5.37 38.99 2.65
C ARG B 179 -4.14 39.53 3.32
N SER B 180 -3.96 40.85 3.24
CA SER B 180 -2.81 41.52 3.84
C SER B 180 -3.24 42.37 5.04
N ASP B 181 -3.77 43.56 4.79
CA ASP B 181 -4.11 44.47 5.88
C ASP B 181 -5.54 44.24 6.37
N GLY B 182 -6.35 43.62 5.51
CA GLY B 182 -7.72 43.31 5.84
C GLY B 182 -8.73 44.20 5.13
N LYS B 183 -8.23 45.24 4.48
CA LYS B 183 -9.07 46.17 3.72
C LYS B 183 -8.82 46.04 2.22
N HIS B 184 -8.02 45.06 1.82
CA HIS B 184 -7.65 44.87 0.41
C HIS B 184 -8.00 43.45 -0.06
N ASP B 185 -9.11 42.92 0.46
CA ASP B 185 -9.50 41.52 0.24
C ASP B 185 -9.98 41.21 -1.19
N PHE B 186 -9.44 40.16 -1.80
CA PHE B 186 -10.03 39.64 -3.03
C PHE B 186 -11.15 38.68 -2.66
N ARG B 187 -12.34 38.86 -3.24
CA ARG B 187 -13.49 38.10 -2.80
C ARG B 187 -14.50 37.82 -3.89
N LEU B 188 -14.78 36.54 -4.13
CA LEU B 188 -15.90 36.18 -4.99
C LEU B 188 -17.16 36.30 -4.16
N TRP B 189 -18.18 36.96 -4.69
CA TRP B 189 -19.41 37.13 -3.96
C TRP B 189 -20.41 36.00 -4.22
N ASN B 190 -20.10 35.15 -5.19
CA ASN B 190 -20.94 34.02 -5.54
C ASN B 190 -20.78 32.94 -4.49
N SER B 191 -21.77 32.06 -4.36
CA SER B 191 -21.58 30.90 -3.48
C SER B 191 -20.92 29.78 -4.30
N GLN B 192 -21.27 29.68 -5.59
CA GLN B 192 -20.56 28.78 -6.50
C GLN B 192 -20.27 29.50 -7.85
N LEU B 193 -19.36 28.95 -8.65
CA LEU B 193 -19.03 29.57 -9.95
C LEU B 193 -20.25 29.53 -10.88
N ILE B 194 -20.77 28.34 -11.12
CA ILE B 194 -22.05 28.18 -11.81
C ILE B 194 -23.17 28.04 -10.77
N ARG B 195 -24.30 28.71 -11.01
CA ARG B 195 -25.41 28.74 -10.08
C ARG B 195 -26.61 29.35 -10.80
N TYR B 196 -27.78 28.74 -10.69
CA TYR B 196 -28.97 29.26 -11.35
C TYR B 196 -29.61 30.37 -10.51
N ALA B 197 -30.20 31.34 -11.18
CA ALA B 197 -30.87 32.43 -10.49
C ALA B 197 -32.27 32.05 -9.97
N GLY B 198 -32.68 32.74 -8.93
CA GLY B 198 -34.01 32.57 -8.37
C GLY B 198 -34.72 33.90 -8.19
N TYR B 199 -35.90 34.02 -8.76
CA TYR B 199 -36.65 35.25 -8.71
C TYR B 199 -37.97 35.11 -7.96
N GLN B 200 -38.27 36.07 -7.09
CA GLN B 200 -39.62 36.27 -6.59
C GLN B 200 -40.40 36.74 -7.79
N MET B 201 -41.67 36.42 -7.86
CA MET B 201 -42.42 36.75 -9.05
C MET B 201 -43.79 37.34 -8.80
N THR B 205 -45.50 33.38 -6.94
CA THR B 205 -44.66 32.20 -7.06
C THR B 205 -43.18 32.54 -7.09
N ILE B 206 -42.33 31.52 -6.90
CA ILE B 206 -40.89 31.70 -6.96
C ILE B 206 -40.37 30.84 -8.10
N ARG B 207 -39.54 31.42 -8.96
CA ARG B 207 -39.08 30.72 -10.17
C ARG B 207 -37.58 30.55 -10.12
N GLY B 208 -37.11 29.37 -10.52
CA GLY B 208 -35.69 29.07 -10.48
C GLY B 208 -35.24 28.51 -9.14
N ASP B 209 -33.96 28.71 -8.82
CA ASP B 209 -33.39 28.22 -7.57
C ASP B 209 -33.69 29.19 -6.44
N ALA B 210 -34.70 28.88 -5.65
CA ALA B 210 -35.10 29.77 -4.57
C ALA B 210 -34.00 30.02 -3.56
N ALA B 211 -32.96 29.20 -3.54
CA ALA B 211 -31.90 29.41 -2.56
C ALA B 211 -31.11 30.68 -2.84
N THR B 212 -31.04 31.09 -4.10
CA THR B 212 -30.27 32.28 -4.49
C THR B 212 -31.17 33.48 -4.79
N LEU B 213 -32.25 33.65 -4.01
CA LEU B 213 -33.18 34.75 -4.21
C LEU B 213 -32.52 36.08 -3.85
N GLU B 214 -31.87 36.11 -2.69
CA GLU B 214 -31.24 37.34 -2.24
C GLU B 214 -30.10 37.73 -3.16
N PHE B 215 -29.31 36.73 -3.59
CA PHE B 215 -28.14 37.02 -4.41
C PHE B 215 -28.52 37.45 -5.80
N THR B 216 -29.65 36.95 -6.30
CA THR B 216 -30.12 37.34 -7.62
C THR B 216 -30.60 38.78 -7.55
N GLN B 217 -31.21 39.13 -6.44
CA GLN B 217 -31.61 40.51 -6.22
C GLN B 217 -30.38 41.41 -6.27
N LEU B 218 -29.30 40.97 -5.63
CA LEU B 218 -28.07 41.75 -5.62
C LEU B 218 -27.51 41.98 -7.03
N CYS B 219 -27.53 40.94 -7.86
CA CYS B 219 -27.05 41.06 -9.22
C CYS B 219 -27.89 42.07 -10.00
N ILE B 220 -29.20 42.06 -9.78
CA ILE B 220 -30.08 43.02 -10.44
C ILE B 220 -29.73 44.43 -9.97
N ASP B 221 -29.51 44.58 -8.66
CA ASP B 221 -29.08 45.85 -8.08
C ASP B 221 -27.78 46.39 -8.70
N LEU B 222 -26.96 45.50 -9.22
CA LEU B 222 -25.70 45.91 -9.83
C LEU B 222 -25.78 45.95 -11.36
N GLY B 223 -27.00 46.02 -11.89
CA GLY B 223 -27.19 46.25 -13.31
C GLY B 223 -27.34 45.03 -14.19
N TRP B 224 -27.25 43.84 -13.60
CA TRP B 224 -27.41 42.61 -14.36
C TRP B 224 -28.85 42.50 -14.84
N LYS B 225 -29.03 42.00 -16.06
CA LYS B 225 -30.36 41.89 -16.64
C LYS B 225 -30.98 40.51 -16.45
N PRO B 226 -32.04 40.43 -15.64
CA PRO B 226 -32.80 39.20 -15.40
C PRO B 226 -33.54 38.77 -16.65
N ARG B 227 -33.47 37.47 -16.95
CA ARG B 227 -34.15 36.85 -18.08
C ARG B 227 -35.35 36.02 -17.65
N TYR B 228 -35.53 35.92 -16.36
CA TYR B 228 -36.65 35.22 -15.71
C TYR B 228 -36.95 33.78 -16.16
N GLY B 229 -35.97 32.90 -15.98
CA GLY B 229 -36.18 31.50 -16.28
C GLY B 229 -35.94 30.68 -15.03
N ARG B 230 -36.21 29.38 -15.17
CA ARG B 230 -35.89 28.37 -14.18
C ARG B 230 -34.41 28.11 -14.04
N PHE B 231 -33.72 28.16 -15.15
CA PHE B 231 -32.30 27.81 -15.18
C PHE B 231 -31.43 28.87 -15.83
N ASP B 232 -31.51 30.10 -15.32
CA ASP B 232 -30.69 31.22 -15.77
C ASP B 232 -29.39 31.33 -14.94
N VAL B 233 -28.25 31.06 -15.59
CA VAL B 233 -26.96 31.11 -14.91
C VAL B 233 -26.65 32.51 -14.39
N LEU B 234 -26.34 32.61 -13.11
CA LEU B 234 -25.99 33.88 -12.49
C LEU B 234 -24.64 34.39 -13.03
N PRO B 235 -24.41 35.71 -12.92
CA PRO B 235 -23.14 36.30 -13.34
C PRO B 235 -22.09 36.23 -12.25
N LEU B 236 -20.82 36.09 -12.59
CA LEU B 236 -19.79 36.24 -11.57
C LEU B 236 -19.84 37.68 -11.05
N VAL B 237 -19.82 37.83 -9.73
CA VAL B 237 -19.73 39.12 -9.09
C VAL B 237 -18.43 39.18 -8.34
N LEU B 238 -17.48 39.95 -8.88
CA LEU B 238 -16.10 39.90 -8.40
C LEU B 238 -15.64 41.19 -7.69
N GLN B 239 -14.75 41.02 -6.72
CA GLN B 239 -14.21 42.13 -5.95
C GLN B 239 -12.72 41.88 -5.84
N ALA B 240 -11.91 42.81 -6.36
CA ALA B 240 -10.45 42.61 -6.37
C ALA B 240 -9.73 43.67 -5.53
N ASP B 241 -8.69 43.27 -4.79
CA ASP B 241 -7.93 44.20 -3.94
C ASP B 241 -8.83 45.16 -3.15
N GLY B 242 -9.83 44.63 -2.47
CA GLY B 242 -10.73 45.42 -1.65
C GLY B 242 -11.69 46.36 -2.39
N GLN B 243 -11.57 46.42 -3.71
CA GLN B 243 -12.39 47.35 -4.51
C GLN B 243 -13.87 47.01 -4.40
N ASP B 244 -14.71 47.87 -4.95
CA ASP B 244 -16.12 47.56 -5.08
C ASP B 244 -16.33 46.45 -6.14
N PRO B 245 -17.51 45.80 -6.13
CA PRO B 245 -17.66 44.61 -7.00
C PRO B 245 -18.11 44.87 -8.44
N GLU B 246 -17.51 44.17 -9.38
CA GLU B 246 -17.88 44.29 -10.79
C GLU B 246 -18.58 43.00 -11.27
N VAL B 247 -19.52 43.17 -12.19
CA VAL B 247 -20.37 42.09 -12.62
C VAL B 247 -19.98 41.53 -14.00
N PHE B 248 -19.76 40.23 -14.08
CA PHE B 248 -19.35 39.61 -15.33
C PHE B 248 -20.31 38.48 -15.72
N GLU B 249 -20.69 38.41 -16.99
CA GLU B 249 -21.53 37.29 -17.40
C GLU B 249 -20.62 36.17 -17.88
N ILE B 250 -20.91 34.95 -17.48
CA ILE B 250 -20.08 33.82 -17.87
C ILE B 250 -20.41 33.43 -19.29
N PRO B 251 -19.39 33.36 -20.16
CA PRO B 251 -19.62 32.97 -21.55
C PRO B 251 -20.29 31.60 -21.63
N PRO B 252 -21.54 31.57 -22.12
CA PRO B 252 -22.33 30.33 -22.18
C PRO B 252 -21.62 29.18 -22.89
N ASP B 253 -20.65 29.44 -23.74
CA ASP B 253 -19.88 28.35 -24.31
C ASP B 253 -19.09 27.60 -23.23
N LEU B 254 -18.91 28.24 -22.07
CA LEU B 254 -18.13 27.64 -20.98
C LEU B 254 -18.96 26.81 -20.02
N VAL B 255 -20.20 27.21 -19.81
CA VAL B 255 -21.10 26.51 -18.91
C VAL B 255 -21.68 25.23 -19.55
N LEU B 256 -21.18 24.07 -19.14
CA LEU B 256 -21.66 22.78 -19.64
C LEU B 256 -22.83 22.26 -18.82
N GLU B 257 -23.87 21.77 -19.50
CA GLU B 257 -25.07 21.36 -18.77
C GLU B 257 -25.59 19.99 -19.17
N VAL B 258 -26.34 19.39 -18.25
CA VAL B 258 -26.94 18.08 -18.45
C VAL B 258 -28.45 18.18 -18.36
N THR B 259 -29.14 17.80 -19.43
CA THR B 259 -30.61 17.78 -19.44
C THR B 259 -31.07 16.46 -18.84
N MET B 260 -32.15 16.48 -18.04
CA MET B 260 -32.55 15.31 -17.27
C MET B 260 -33.55 14.34 -17.92
N GLU B 261 -33.11 13.11 -18.17
CA GLU B 261 -33.95 12.02 -18.68
C GLU B 261 -33.96 10.84 -17.71
N HIS B 262 -35.10 10.17 -17.58
CA HIS B 262 -35.22 8.90 -16.86
C HIS B 262 -35.22 7.78 -17.91
N PRO B 263 -34.49 6.68 -17.65
CA PRO B 263 -34.33 5.65 -18.69
C PRO B 263 -35.55 4.73 -18.85
N LYS B 264 -36.64 5.00 -18.14
CA LYS B 264 -37.86 4.22 -18.33
C LYS B 264 -39.04 5.17 -18.44
N TYR B 265 -38.99 6.28 -17.70
CA TYR B 265 -40.07 7.25 -17.72
C TYR B 265 -39.85 8.29 -18.80
N GLU B 266 -40.41 8.01 -19.96
CA GLU B 266 -40.38 8.88 -21.13
C GLU B 266 -40.85 10.29 -20.75
N TRP B 267 -41.68 10.37 -19.70
CA TRP B 267 -42.30 11.62 -19.33
C TRP B 267 -41.39 12.46 -18.45
N PHE B 268 -40.22 11.94 -18.10
CA PHE B 268 -39.38 12.69 -17.17
C PHE B 268 -38.77 13.84 -17.92
N GLN B 269 -38.50 13.63 -19.20
CA GLN B 269 -37.89 14.66 -20.04
C GLN B 269 -38.82 15.86 -20.18
N GLU B 270 -40.12 15.61 -20.06
CA GLU B 270 -41.10 16.67 -20.27
C GLU B 270 -41.17 17.62 -19.08
N LEU B 271 -40.52 17.24 -17.99
CA LEU B 271 -40.44 18.11 -16.82
C LEU B 271 -39.48 19.27 -17.09
N GLY B 272 -38.57 19.07 -18.05
CA GLY B 272 -37.72 20.14 -18.49
C GLY B 272 -36.71 20.60 -17.46
N LEU B 273 -36.01 19.65 -16.86
CA LEU B 273 -35.07 20.00 -15.81
C LEU B 273 -33.69 19.78 -16.39
N LYS B 274 -32.72 20.54 -15.92
CA LYS B 274 -31.35 20.29 -16.27
C LYS B 274 -30.51 20.77 -15.10
N TRP B 275 -29.22 20.46 -15.10
CA TRP B 275 -28.35 21.02 -14.08
C TRP B 275 -26.95 21.23 -14.65
N TYR B 276 -26.18 22.12 -14.02
CA TYR B 276 -24.81 22.34 -14.46
C TYR B 276 -23.90 21.25 -13.98
N ALA B 277 -22.83 20.98 -14.71
CA ALA B 277 -21.96 19.86 -14.40
C ALA B 277 -20.91 20.20 -13.37
N LEU B 278 -20.68 21.48 -13.10
CA LEU B 278 -19.48 21.90 -12.36
C LEU B 278 -19.83 22.43 -10.99
N PRO B 279 -19.55 21.60 -9.96
CA PRO B 279 -19.75 22.07 -8.60
C PRO B 279 -18.49 22.80 -8.16
N ALA B 280 -18.51 24.12 -8.26
CA ALA B 280 -17.32 24.85 -7.90
C ALA B 280 -17.64 25.89 -6.82
N VAL B 281 -17.23 25.61 -5.58
CA VAL B 281 -17.59 26.49 -4.47
C VAL B 281 -16.66 27.70 -4.48
N ALA B 282 -17.24 28.87 -4.32
CA ALA B 282 -16.54 30.11 -4.61
C ALA B 282 -16.17 30.96 -3.39
N ASN B 283 -16.88 30.76 -2.29
CA ASN B 283 -16.87 31.76 -1.24
C ASN B 283 -16.14 31.38 0.06
N MET B 284 -15.25 30.39 -0.02
CA MET B 284 -14.56 29.93 1.17
C MET B 284 -13.15 30.48 1.31
N LEU B 285 -12.67 30.53 2.56
CA LEU B 285 -11.39 31.11 2.87
C LEU B 285 -10.35 30.03 3.10
N LEU B 286 -9.20 30.18 2.47
CA LEU B 286 -8.12 29.25 2.74
C LEU B 286 -7.18 29.81 3.82
N GLU B 287 -7.10 29.11 4.94
CA GLU B 287 -6.07 29.41 5.94
C GLU B 287 -4.93 28.42 5.79
N VAL B 288 -3.71 28.96 5.80
CA VAL B 288 -2.53 28.14 5.87
C VAL B 288 -1.45 28.96 6.54
N GLY B 289 -0.72 28.34 7.49
CA GLY B 289 0.42 28.95 8.15
C GLY B 289 0.19 30.36 8.66
N GLY B 290 -1.04 30.66 9.05
CA GLY B 290 -1.35 31.97 9.58
C GLY B 290 -1.78 32.93 8.52
N LEU B 291 -1.72 32.48 7.26
CA LEU B 291 -2.15 33.31 6.14
C LEU B 291 -3.63 33.09 5.80
N GLU B 292 -4.21 34.05 5.09
CA GLU B 292 -5.60 33.95 4.73
C GLU B 292 -5.81 34.31 3.26
N PHE B 293 -6.38 33.40 2.49
CA PHE B 293 -6.72 33.64 1.10
C PHE B 293 -8.23 33.64 0.98
N PRO B 294 -8.84 34.83 1.04
CA PRO B 294 -10.30 34.88 1.05
C PRO B 294 -10.92 34.58 -0.33
N ALA B 295 -10.08 34.37 -1.35
CA ALA B 295 -10.57 33.98 -2.67
C ALA B 295 -9.82 32.78 -3.20
N CYS B 296 -10.43 31.62 -3.12
CA CYS B 296 -9.80 30.42 -3.66
C CYS B 296 -10.86 29.42 -4.11
N PRO B 297 -11.60 29.78 -5.18
CA PRO B 297 -12.65 28.87 -5.66
C PRO B 297 -12.03 27.55 -6.12
N PHE B 298 -12.68 26.45 -5.76
CA PHE B 298 -12.24 25.14 -6.16
C PHE B 298 -13.43 24.31 -6.66
N ASN B 299 -13.14 23.16 -7.25
CA ASN B 299 -14.20 22.27 -7.67
C ASN B 299 -13.78 20.81 -7.58
N GLY B 300 -14.77 19.95 -7.39
CA GLY B 300 -14.54 18.54 -7.53
C GLY B 300 -15.52 18.13 -8.61
N TRP B 301 -16.26 17.06 -8.37
CA TRP B 301 -17.35 16.70 -9.24
C TRP B 301 -18.54 16.25 -8.42
N TYR B 302 -19.64 15.96 -9.10
CA TYR B 302 -20.91 15.76 -8.42
C TYR B 302 -21.15 14.36 -7.84
N MET B 303 -21.81 14.35 -6.71
CA MET B 303 -22.37 13.12 -6.19
C MET B 303 -23.86 13.26 -6.41
N GLY B 304 -24.44 12.27 -7.08
CA GLY B 304 -25.81 12.33 -7.54
C GLY B 304 -26.87 12.93 -6.62
N THR B 305 -26.76 12.62 -5.34
CA THR B 305 -27.79 13.01 -4.40
C THR B 305 -27.83 14.51 -4.20
N GLU B 306 -26.70 15.18 -4.50
CA GLU B 306 -26.63 16.63 -4.35
C GLU B 306 -27.67 17.27 -5.27
N ILE B 307 -27.69 16.79 -6.50
CA ILE B 307 -28.61 17.29 -7.48
C ILE B 307 -29.93 16.54 -7.24
N GLY B 308 -29.85 15.22 -7.13
CA GLY B 308 -31.05 14.42 -7.01
C GLY B 308 -31.90 14.71 -5.79
N VAL B 309 -31.28 14.74 -4.62
CA VAL B 309 -32.07 14.82 -3.40
C VAL B 309 -32.16 16.23 -2.89
N ARG B 310 -31.02 16.91 -2.83
CA ARG B 310 -31.00 18.27 -2.28
C ARG B 310 -31.53 19.32 -3.26
N ASP B 311 -30.81 19.54 -4.37
CA ASP B 311 -31.18 20.58 -5.30
C ASP B 311 -32.59 20.48 -5.88
N PHE B 312 -33.00 19.25 -6.22
CA PHE B 312 -34.33 19.01 -6.80
C PHE B 312 -35.41 18.77 -5.75
N CYS B 313 -35.07 18.14 -4.63
CA CYS B 313 -36.12 17.70 -3.70
C CYS B 313 -36.22 18.45 -2.38
N ASP B 314 -35.23 19.29 -2.04
CA ASP B 314 -35.39 20.15 -0.89
C ASP B 314 -36.59 21.05 -1.15
N THR B 315 -37.44 21.24 -0.18
CA THR B 315 -38.62 22.06 -0.35
C THR B 315 -38.22 23.50 -0.54
N GLN B 316 -37.03 23.83 -0.11
CA GLN B 316 -36.57 25.19 -0.18
C GLN B 316 -35.91 25.49 -1.50
N ARG B 317 -35.99 24.56 -2.43
CA ARG B 317 -35.47 24.79 -3.75
C ARG B 317 -36.06 23.87 -4.76
N TYR B 318 -36.68 24.37 -5.80
CA TYR B 318 -36.99 23.53 -6.96
C TYR B 318 -38.15 22.63 -6.62
N ASN B 319 -37.97 21.83 -5.59
CA ASN B 319 -39.06 21.12 -4.95
C ASN B 319 -39.93 20.26 -5.87
N ILE B 320 -39.32 19.50 -6.75
CA ILE B 320 -40.14 18.81 -7.75
C ILE B 320 -40.89 17.58 -7.23
N LEU B 321 -40.66 17.24 -5.97
CA LEU B 321 -40.98 15.92 -5.42
C LEU B 321 -42.46 15.56 -5.45
N GLU B 322 -43.30 16.52 -5.11
CA GLU B 322 -44.71 16.25 -5.17
C GLU B 322 -45.16 15.97 -6.61
N GLU B 323 -44.56 16.67 -7.57
CA GLU B 323 -44.96 16.50 -8.96
C GLU B 323 -44.49 15.17 -9.50
N VAL B 324 -43.27 14.78 -9.19
CA VAL B 324 -42.78 13.48 -9.65
C VAL B 324 -43.62 12.39 -8.99
N GLY B 325 -44.14 12.68 -7.81
CA GLY B 325 -45.07 11.77 -7.18
C GLY B 325 -46.33 11.56 -8.00
N ARG B 326 -46.96 12.66 -8.40
CA ARG B 326 -48.24 12.56 -9.12
C ARG B 326 -48.04 11.92 -10.49
N ARG B 327 -46.90 12.17 -11.12
CA ARG B 327 -46.70 11.63 -12.46
C ARG B 327 -46.32 10.16 -12.46
N MET B 328 -45.96 9.63 -11.31
CA MET B 328 -45.74 8.19 -11.14
C MET B 328 -47.04 7.53 -10.72
N GLY B 329 -48.06 8.35 -10.47
CA GLY B 329 -49.37 7.85 -10.05
C GLY B 329 -49.45 7.25 -8.65
N LEU B 330 -48.61 7.73 -7.74
CA LEU B 330 -48.55 7.22 -6.38
C LEU B 330 -49.54 7.99 -5.53
N GLU B 331 -49.88 7.45 -4.36
CA GLU B 331 -50.87 8.09 -3.52
C GLU B 331 -50.22 9.22 -2.72
N THR B 332 -49.99 10.35 -3.37
CA THR B 332 -49.17 11.41 -2.77
C THR B 332 -49.85 12.15 -1.62
N HIS B 333 -51.01 11.64 -1.18
CA HIS B 333 -51.83 12.26 -0.14
C HIS B 333 -51.84 11.41 1.13
N THR B 334 -51.04 10.35 1.10
CA THR B 334 -50.83 9.48 2.24
C THR B 334 -49.33 9.24 2.46
N LEU B 335 -48.79 9.82 3.53
CA LEU B 335 -47.35 9.78 3.83
C LEU B 335 -46.94 8.33 4.08
N ALA B 336 -47.87 7.58 4.66
CA ALA B 336 -47.55 6.26 5.08
C ALA B 336 -47.36 5.33 3.87
N SER B 337 -47.61 5.83 2.66
CA SER B 337 -47.51 4.99 1.46
C SER B 337 -46.07 4.90 0.99
N LEU B 338 -45.23 5.78 1.54
CA LEU B 338 -43.80 5.86 1.25
C LEU B 338 -43.49 6.30 -0.19
N TRP B 339 -44.37 7.13 -0.76
CA TRP B 339 -44.23 7.56 -2.15
C TRP B 339 -43.06 8.48 -2.30
N LYS B 340 -42.79 9.27 -1.26
CA LYS B 340 -41.62 10.14 -1.27
C LYS B 340 -40.33 9.31 -1.44
N ASP B 341 -40.28 8.15 -0.79
CA ASP B 341 -39.11 7.30 -0.90
C ASP B 341 -39.04 6.71 -2.31
N ARG B 342 -40.19 6.56 -2.96
CA ARG B 342 -40.20 5.94 -4.28
C ARG B 342 -39.86 6.97 -5.32
N ALA B 343 -40.40 8.18 -5.16
CA ALA B 343 -40.16 9.25 -6.13
C ALA B 343 -38.68 9.64 -6.12
N VAL B 344 -38.19 10.00 -4.94
CA VAL B 344 -36.83 10.46 -4.77
C VAL B 344 -35.80 9.49 -5.37
N THR B 345 -36.08 8.18 -5.30
CA THR B 345 -35.12 7.21 -5.83
C THR B 345 -35.09 7.30 -7.35
N GLU B 346 -36.25 7.54 -7.94
CA GLU B 346 -36.28 7.63 -9.39
C GLU B 346 -35.56 8.87 -9.88
N ILE B 347 -35.77 10.00 -9.19
CA ILE B 347 -35.05 11.22 -9.51
C ILE B 347 -33.53 10.98 -9.41
N ASN B 348 -33.07 10.34 -8.33
CA ASN B 348 -31.66 9.95 -8.27
C ASN B 348 -31.25 9.13 -9.48
N VAL B 349 -32.15 8.28 -9.96
CA VAL B 349 -31.83 7.39 -11.07
C VAL B 349 -31.72 8.20 -12.37
N ALA B 350 -32.61 9.18 -12.52
CA ALA B 350 -32.55 10.13 -13.63
C ALA B 350 -31.21 10.84 -13.65
N VAL B 351 -30.89 11.50 -12.54
CA VAL B 351 -29.65 12.29 -12.44
C VAL B 351 -28.46 11.43 -12.82
N LEU B 352 -28.35 10.26 -12.22
CA LEU B 352 -27.21 9.40 -12.49
C LEU B 352 -27.14 9.01 -13.94
N HIS B 353 -28.30 8.64 -14.47
CA HIS B 353 -28.40 8.15 -15.82
C HIS B 353 -28.08 9.25 -16.84
N SER B 354 -28.59 10.45 -16.60
CA SER B 354 -28.36 11.55 -17.53
C SER B 354 -26.88 11.95 -17.62
N PHE B 355 -26.18 11.95 -16.50
CA PHE B 355 -24.75 12.30 -16.49
C PHE B 355 -23.97 11.23 -17.21
N GLN B 356 -24.38 9.98 -17.08
CA GLN B 356 -23.68 8.90 -17.74
C GLN B 356 -23.94 8.98 -19.25
N LYS B 357 -25.20 9.29 -19.61
CA LYS B 357 -25.59 9.37 -21.01
C LYS B 357 -24.78 10.40 -21.74
N GLN B 358 -24.58 11.55 -21.09
CA GLN B 358 -23.97 12.70 -21.72
C GLN B 358 -22.50 12.88 -21.40
N ASN B 359 -21.88 11.81 -20.93
CA ASN B 359 -20.44 11.73 -20.64
C ASN B 359 -19.90 12.80 -19.69
N VAL B 360 -20.62 13.00 -18.59
CA VAL B 360 -20.18 13.92 -17.57
C VAL B 360 -19.89 13.17 -16.28
N THR B 361 -18.71 13.41 -15.71
CA THR B 361 -18.32 12.72 -14.48
C THR B 361 -19.35 12.89 -13.39
N ILE B 362 -19.77 11.78 -12.81
CA ILE B 362 -20.64 11.81 -11.64
C ILE B 362 -20.44 10.49 -10.93
N MET B 363 -20.80 10.44 -9.65
CA MET B 363 -20.68 9.22 -8.88
C MET B 363 -21.84 9.13 -7.90
N ASP B 364 -22.40 7.94 -7.82
CA ASP B 364 -23.54 7.69 -6.95
C ASP B 364 -23.01 7.65 -5.50
N HIS B 365 -23.93 7.81 -4.54
CA HIS B 365 -23.61 7.97 -3.12
C HIS B 365 -23.20 6.70 -2.38
N HIS B 366 -23.55 5.55 -2.94
CA HIS B 366 -23.08 4.30 -2.34
C HIS B 366 -21.60 4.14 -2.61
N THR B 367 -21.21 4.36 -3.87
CA THR B 367 -19.81 4.21 -4.25
C THR B 367 -18.94 5.22 -3.50
N ALA B 368 -19.45 6.44 -3.37
CA ALA B 368 -18.72 7.52 -2.71
C ALA B 368 -18.52 7.13 -1.27
N SER B 369 -19.56 6.52 -0.71
CA SER B 369 -19.49 6.17 0.68
C SER B 369 -18.42 5.12 0.88
N GLU B 370 -18.36 4.13 0.00
CA GLU B 370 -17.32 3.11 0.15
C GLU B 370 -15.95 3.71 -0.08
N SER B 371 -15.89 4.69 -0.99
CA SER B 371 -14.64 5.35 -1.31
C SER B 371 -14.12 6.08 -0.07
N PHE B 372 -14.99 6.83 0.59
CA PHE B 372 -14.54 7.54 1.77
C PHE B 372 -14.06 6.60 2.88
N MET B 373 -14.78 5.49 3.09
CA MET B 373 -14.39 4.54 4.11
C MET B 373 -12.98 3.99 3.82
N LYS B 374 -12.69 3.70 2.55
CA LYS B 374 -11.34 3.29 2.16
C LYS B 374 -10.30 4.37 2.47
N HIS B 375 -10.67 5.62 2.24
CA HIS B 375 -9.78 6.75 2.50
C HIS B 375 -9.47 6.79 3.97
N MET B 376 -10.51 6.71 4.79
CA MET B 376 -10.37 6.80 6.24
C MET B 376 -9.46 5.73 6.80
N GLN B 377 -9.71 4.54 6.35
CA GLN B 377 -8.87 3.44 6.68
C GLN B 377 -7.43 3.75 6.37
N ASN B 378 -7.13 4.34 5.25
CA ASN B 378 -5.79 4.73 4.81
C ASN B 378 -5.23 5.85 5.68
N GLU B 379 -6.09 6.80 6.05
CA GLU B 379 -5.68 7.94 6.86
C GLU B 379 -5.30 7.59 8.30
N TYR B 380 -5.95 6.56 8.85
CA TYR B 380 -5.61 6.12 10.19
C TYR B 380 -4.24 5.42 10.24
N ARG B 381 -3.90 4.65 9.20
CA ARG B 381 -2.57 4.05 9.14
C ARG B 381 -1.51 5.13 8.90
N ALA B 382 -1.80 6.06 8.02
CA ALA B 382 -0.81 7.04 7.59
C ALA B 382 -0.50 8.07 8.67
N ARG B 383 -1.53 8.55 9.35
CA ARG B 383 -1.29 9.56 10.37
C ARG B 383 -2.24 9.51 11.56
N GLY B 384 -2.86 8.36 11.78
CA GLY B 384 -3.63 8.13 12.99
C GLY B 384 -4.86 9.00 13.14
N GLY B 385 -5.59 9.23 12.06
CA GLY B 385 -6.81 10.00 12.16
C GLY B 385 -7.28 10.65 10.87
N CYS B 386 -8.52 11.13 10.93
CA CYS B 386 -9.15 11.79 9.81
C CYS B 386 -10.29 12.61 10.36
N PRO B 387 -10.20 13.94 10.26
CA PRO B 387 -11.34 14.72 10.75
C PRO B 387 -12.54 14.43 9.84
N ALA B 388 -13.74 14.34 10.43
CA ALA B 388 -14.93 13.88 9.72
C ALA B 388 -16.22 14.34 10.40
N ASP B 389 -17.14 14.94 9.65
CA ASP B 389 -18.43 15.40 10.19
C ASP B 389 -19.53 14.45 9.71
N TRP B 390 -19.87 13.50 10.57
CA TRP B 390 -20.84 12.47 10.26
C TRP B 390 -22.06 13.05 9.58
N ILE B 391 -22.53 14.17 10.12
CA ILE B 391 -23.78 14.78 9.69
C ILE B 391 -23.71 15.17 8.21
N TRP B 392 -22.49 15.38 7.71
CA TRP B 392 -22.29 15.82 6.34
C TRP B 392 -21.87 14.66 5.45
N LEU B 393 -21.12 13.71 6.02
CA LEU B 393 -20.61 12.59 5.24
C LEU B 393 -21.67 11.51 4.95
N VAL B 394 -22.78 11.53 5.68
CA VAL B 394 -23.88 10.60 5.41
C VAL B 394 -24.79 11.23 4.39
N PRO B 395 -25.08 10.50 3.31
CA PRO B 395 -25.91 11.00 2.20
C PRO B 395 -27.31 11.37 2.68
N PRO B 396 -27.96 12.28 1.95
CA PRO B 396 -29.30 12.77 2.33
C PRO B 396 -30.40 11.74 2.02
N VAL B 397 -30.04 10.60 1.46
CA VAL B 397 -30.96 9.46 1.43
C VAL B 397 -30.16 8.20 1.76
N SER B 398 -30.86 7.22 2.31
CA SER B 398 -30.33 5.87 2.56
C SER B 398 -29.12 5.82 3.46
N GLY B 399 -29.18 6.56 4.57
CA GLY B 399 -28.08 6.61 5.52
C GLY B 399 -27.47 5.27 5.89
N SER B 400 -28.23 4.45 6.63
CA SER B 400 -27.67 3.23 7.20
C SER B 400 -27.38 2.17 6.15
N ILE B 401 -27.80 2.43 4.92
CA ILE B 401 -27.46 1.54 3.84
C ILE B 401 -26.01 1.84 3.43
N THR B 402 -25.54 3.06 3.68
CA THR B 402 -24.13 3.36 3.39
C THR B 402 -23.29 2.96 4.60
N PRO B 403 -22.04 2.53 4.37
CA PRO B 403 -21.23 2.11 5.50
C PRO B 403 -20.88 3.26 6.43
N VAL B 404 -20.89 4.48 5.91
CA VAL B 404 -20.44 5.63 6.69
C VAL B 404 -21.35 5.89 7.88
N PHE B 405 -22.61 5.55 7.73
CA PHE B 405 -23.58 5.65 8.82
C PHE B 405 -23.09 4.92 10.06
N HIS B 406 -22.45 3.77 9.85
CA HIS B 406 -22.13 2.90 10.99
C HIS B 406 -20.75 3.13 11.56
N GLN B 407 -19.99 4.05 10.97
CA GLN B 407 -18.65 4.36 11.44
C GLN B 407 -18.69 5.54 12.40
N GLU B 408 -18.17 5.37 13.60
CA GLU B 408 -18.10 6.50 14.51
C GLU B 408 -17.02 7.47 14.04
N MET B 409 -17.25 8.77 14.25
CA MET B 409 -16.34 9.78 13.74
C MET B 409 -16.10 10.91 14.72
N LEU B 410 -14.90 11.47 14.65
CA LEU B 410 -14.56 12.67 15.40
C LEU B 410 -14.31 13.79 14.42
N ASN B 411 -14.86 14.95 14.73
CA ASN B 411 -14.77 16.12 13.89
C ASN B 411 -13.91 17.17 14.59
N TYR B 412 -12.81 17.55 13.95
CA TYR B 412 -11.94 18.58 14.51
C TYR B 412 -11.26 19.43 13.41
N VAL B 413 -11.04 20.71 13.67
CA VAL B 413 -10.43 21.62 12.72
C VAL B 413 -8.90 21.61 12.76
N LEU B 414 -8.25 21.16 11.68
CA LEU B 414 -6.78 21.18 11.63
C LEU B 414 -6.27 22.40 10.84
N SER B 415 -5.01 22.33 10.42
CA SER B 415 -4.45 23.35 9.55
C SER B 415 -3.50 22.69 8.55
N PRO B 416 -3.54 23.14 7.28
CA PRO B 416 -4.40 24.21 6.76
C PRO B 416 -5.87 23.79 6.60
N PHE B 417 -6.72 24.73 6.23
CA PHE B 417 -8.16 24.50 6.36
C PHE B 417 -8.97 25.43 5.48
N TYR B 418 -10.14 24.94 5.05
CA TYR B 418 -11.07 25.77 4.31
C TYR B 418 -12.15 26.21 5.24
N TYR B 419 -12.14 27.48 5.64
CA TYR B 419 -13.17 28.00 6.53
C TYR B 419 -14.25 28.66 5.70
N TYR B 420 -15.41 28.86 6.28
CA TYR B 420 -16.44 29.66 5.66
C TYR B 420 -16.11 31.13 5.93
N GLN B 421 -16.85 32.03 5.30
CA GLN B 421 -16.69 33.46 5.55
C GLN B 421 -18.06 34.10 5.72
N ILE B 422 -18.06 35.37 6.16
CA ILE B 422 -19.28 36.14 6.27
C ILE B 422 -19.70 36.63 4.90
N GLU B 423 -21.01 36.64 4.64
CA GLU B 423 -21.52 37.18 3.40
C GLU B 423 -20.99 38.60 3.27
N PRO B 424 -20.18 38.86 2.22
CA PRO B 424 -19.47 40.13 2.05
C PRO B 424 -20.40 41.35 2.00
N TRP B 425 -21.59 41.22 1.44
CA TRP B 425 -22.50 42.38 1.33
C TRP B 425 -22.92 42.85 2.73
N LYS B 426 -22.65 42.02 3.72
CA LYS B 426 -22.93 42.38 5.11
C LYS B 426 -21.78 43.21 5.68
N THR B 427 -20.76 43.46 4.85
CA THR B 427 -19.63 44.30 5.25
C THR B 427 -19.23 45.22 4.10
#